data_6GFC
#
_entry.id   6GFC
#
_cell.length_a   181.740
_cell.length_b   181.740
_cell.length_c   173.290
_cell.angle_alpha   90.00
_cell.angle_beta   90.00
_cell.angle_gamma   90.00
#
_symmetry.space_group_name_H-M   'I 41 2 2'
#
_entity_poly.entity_id   1
_entity_poly.type   'polypeptide(L)'
_entity_poly.pdbx_seq_one_letter_code
;RSTNETRSTHTLDLSRELSEVLGQIFDSQQGCDLSISVSVQGEDALGFCGHTIILTANLEAQALWKEPGSNVTMSVDAEC
VPMVRDFLRYFYSRRIDIALSSVKCFHKLASAYGAKQLQGYCASLFAILSRDDDDKAGWSHPQFEKGGGSGGGSGGGSWS
HPQFEK
;
_entity_poly.pdbx_strand_id   A,B,C,D,F,G
#
# COMPACT_ATOMS: atom_id res chain seq x y z
N SER A 8 -12.52 -19.45 29.87
CA SER A 8 -11.90 -20.77 29.86
C SER A 8 -11.90 -21.37 28.45
N THR A 9 -10.71 -21.66 27.91
CA THR A 9 -10.52 -22.24 26.58
C THR A 9 -9.59 -23.46 26.68
N HIS A 10 -10.09 -24.61 26.21
CA HIS A 10 -9.37 -25.89 26.23
C HIS A 10 -8.92 -26.22 24.81
N THR A 11 -7.60 -26.32 24.61
CA THR A 11 -6.98 -26.52 23.30
C THR A 11 -6.49 -27.95 23.06
N LEU A 12 -6.81 -28.50 21.87
CA LEU A 12 -6.38 -29.82 21.41
C LEU A 12 -5.25 -29.61 20.41
N ASP A 13 -4.11 -30.30 20.61
CA ASP A 13 -2.95 -30.16 19.74
C ASP A 13 -2.39 -31.52 19.28
N LEU A 14 -2.57 -31.81 17.99
CA LEU A 14 -2.09 -33.03 17.35
C LEU A 14 -1.17 -32.63 16.19
N SER A 15 -0.58 -31.42 16.29
CA SER A 15 0.30 -30.81 15.30
C SER A 15 1.73 -31.36 15.30
N ARG A 16 2.09 -32.18 16.29
CA ARG A 16 3.43 -32.78 16.40
C ARG A 16 3.75 -33.75 15.25
N GLU A 17 2.72 -34.38 14.68
CA GLU A 17 2.80 -35.34 13.58
C GLU A 17 3.16 -34.70 12.25
N LEU A 18 2.78 -33.41 12.05
CA LEU A 18 2.93 -32.61 10.82
C LEU A 18 4.30 -32.69 10.12
N SER A 19 5.41 -32.91 10.86
CA SER A 19 6.73 -33.03 10.26
C SER A 19 6.78 -34.26 9.33
N GLU A 20 6.39 -35.44 9.85
CA GLU A 20 6.34 -36.67 9.07
C GLU A 20 5.12 -36.75 8.14
N VAL A 21 4.00 -36.09 8.50
CA VAL A 21 2.76 -36.04 7.70
C VAL A 21 3.08 -35.45 6.32
N LEU A 22 3.80 -34.31 6.30
CA LEU A 22 4.23 -33.63 5.09
C LEU A 22 5.34 -34.39 4.37
N GLY A 23 6.19 -35.08 5.14
CA GLY A 23 7.28 -35.90 4.62
C GLY A 23 6.75 -37.09 3.84
N GLN A 24 5.66 -37.71 4.34
CA GLN A 24 5.00 -38.87 3.74
C GLN A 24 4.23 -38.51 2.46
N ILE A 25 3.88 -37.21 2.28
CA ILE A 25 3.21 -36.70 1.08
C ILE A 25 4.22 -36.74 -0.08
N PHE A 26 5.49 -36.39 0.21
CA PHE A 26 6.57 -36.43 -0.76
C PHE A 26 6.94 -37.87 -1.09
N ASP A 27 7.04 -38.74 -0.05
CA ASP A 27 7.38 -40.17 -0.16
C ASP A 27 6.46 -40.91 -1.12
N SER A 28 5.14 -40.65 -1.04
CA SER A 28 4.10 -41.27 -1.87
C SER A 28 4.26 -40.97 -3.37
N GLN A 29 4.77 -39.77 -3.71
CA GLN A 29 4.98 -39.29 -5.09
C GLN A 29 3.69 -39.30 -5.93
N GLN A 30 2.55 -39.03 -5.27
CA GLN A 30 1.22 -39.00 -5.88
C GLN A 30 0.57 -37.64 -5.73
N GLY A 31 -0.16 -37.21 -6.76
CA GLY A 31 -0.84 -35.92 -6.79
C GLY A 31 0.09 -34.75 -7.00
N CYS A 32 1.24 -35.00 -7.67
CA CYS A 32 2.27 -34.00 -7.95
C CYS A 32 1.85 -33.03 -9.05
N ASP A 33 2.35 -31.79 -8.97
CA ASP A 33 2.12 -30.74 -9.97
C ASP A 33 3.42 -29.99 -10.31
N LEU A 34 4.54 -30.71 -10.24
CA LEU A 34 5.89 -30.24 -10.53
C LEU A 34 6.78 -31.45 -10.79
N SER A 35 7.62 -31.40 -11.84
CA SER A 35 8.50 -32.50 -12.20
C SER A 35 9.95 -32.10 -11.99
N ILE A 36 10.67 -32.85 -11.15
CA ILE A 36 12.09 -32.59 -10.85
C ILE A 36 12.99 -33.67 -11.47
N SER A 37 13.81 -33.30 -12.47
CA SER A 37 14.73 -34.22 -13.14
C SER A 37 16.14 -34.02 -12.61
N VAL A 38 16.82 -35.11 -12.23
CA VAL A 38 18.18 -35.05 -11.69
C VAL A 38 19.21 -35.52 -12.74
N SER A 39 19.77 -34.56 -13.49
CA SER A 39 20.76 -34.85 -14.52
C SER A 39 22.14 -35.01 -13.88
N VAL A 40 22.72 -36.21 -14.02
CA VAL A 40 24.04 -36.54 -13.48
C VAL A 40 24.94 -37.06 -14.61
N GLN A 41 26.10 -36.38 -14.81
CA GLN A 41 27.13 -36.69 -15.81
C GLN A 41 26.59 -36.53 -17.27
N GLY A 42 25.61 -35.63 -17.43
CA GLY A 42 24.95 -35.35 -18.71
C GLY A 42 23.54 -35.91 -18.79
N GLU A 43 23.44 -37.25 -18.74
CA GLU A 43 22.18 -38.02 -18.81
C GLU A 43 21.33 -37.90 -17.55
N ASP A 44 19.98 -37.95 -17.72
CA ASP A 44 19.00 -37.88 -16.65
C ASP A 44 19.02 -39.16 -15.80
N ALA A 45 19.79 -39.11 -14.71
CA ALA A 45 19.99 -40.23 -13.79
C ALA A 45 18.75 -40.58 -12.96
N LEU A 46 18.23 -39.61 -12.19
CA LEU A 46 17.07 -39.80 -11.32
C LEU A 46 15.93 -38.84 -11.62
N GLY A 47 14.75 -39.19 -11.10
CA GLY A 47 13.54 -38.39 -11.25
C GLY A 47 12.70 -38.35 -10.00
N PHE A 48 12.12 -37.17 -9.72
CA PHE A 48 11.24 -36.89 -8.58
C PHE A 48 10.10 -35.95 -8.97
N CYS A 49 9.10 -35.80 -8.10
CA CYS A 49 7.98 -34.88 -8.31
C CYS A 49 7.67 -34.08 -7.05
N GLY A 50 7.15 -32.87 -7.24
CA GLY A 50 6.81 -31.97 -6.14
C GLY A 50 5.37 -31.49 -6.11
N HIS A 51 4.98 -30.89 -4.98
CA HIS A 51 3.66 -30.33 -4.74
C HIS A 51 3.84 -28.84 -4.47
N THR A 52 3.52 -27.98 -5.47
CA THR A 52 3.68 -26.52 -5.43
C THR A 52 3.08 -25.88 -4.18
N ILE A 53 1.88 -26.34 -3.75
CA ILE A 53 1.15 -25.84 -2.57
C ILE A 53 2.00 -25.92 -1.30
N ILE A 54 2.68 -27.07 -1.07
CA ILE A 54 3.56 -27.26 0.09
C ILE A 54 4.89 -26.50 -0.10
N LEU A 55 5.50 -26.61 -1.30
CA LEU A 55 6.79 -25.99 -1.64
C LEU A 55 6.79 -24.46 -1.58
N THR A 56 5.72 -23.79 -2.10
CA THR A 56 5.61 -22.32 -2.10
C THR A 56 5.44 -21.73 -0.68
N ALA A 57 5.05 -22.58 0.30
CA ALA A 57 4.87 -22.20 1.70
C ALA A 57 6.23 -22.10 2.42
N ASN A 58 7.25 -22.83 1.92
CA ASN A 58 8.60 -22.85 2.50
C ASN A 58 9.56 -21.97 1.73
N LEU A 59 10.22 -21.04 2.45
CA LEU A 59 11.22 -20.11 1.89
C LEU A 59 12.51 -20.85 1.47
N GLU A 60 12.76 -22.04 2.06
CA GLU A 60 13.91 -22.91 1.76
C GLU A 60 13.80 -23.46 0.36
N ALA A 61 12.56 -23.78 -0.08
CA ALA A 61 12.25 -24.33 -1.40
C ALA A 61 12.05 -23.24 -2.48
N GLN A 62 12.63 -22.04 -2.27
CA GLN A 62 12.53 -20.88 -3.19
C GLN A 62 12.88 -21.21 -4.65
N ALA A 63 13.85 -22.13 -4.87
CA ALA A 63 14.25 -22.56 -6.22
C ALA A 63 13.15 -23.35 -6.91
N LEU A 64 12.32 -24.03 -6.12
CA LEU A 64 11.21 -24.84 -6.62
C LEU A 64 9.88 -24.07 -6.69
N TRP A 65 9.90 -22.74 -6.45
CA TRP A 65 8.72 -21.87 -6.53
C TRP A 65 8.43 -21.61 -8.02
N LYS A 66 7.71 -22.55 -8.67
CA LYS A 66 7.37 -22.51 -10.09
C LYS A 66 5.89 -22.77 -10.32
N GLU A 67 5.40 -22.46 -11.54
CA GLU A 67 4.02 -22.65 -12.00
C GLU A 67 3.60 -24.12 -11.90
N PRO A 68 2.33 -24.44 -11.52
CA PRO A 68 1.91 -25.85 -11.46
C PRO A 68 1.92 -26.50 -12.84
N GLY A 69 2.80 -27.48 -13.01
CA GLY A 69 2.99 -28.23 -14.25
C GLY A 69 4.38 -28.08 -14.83
N SER A 70 5.19 -27.14 -14.28
CA SER A 70 6.56 -26.84 -14.71
C SER A 70 7.54 -27.99 -14.50
N ASN A 71 8.58 -28.06 -15.35
CA ASN A 71 9.64 -29.06 -15.29
C ASN A 71 10.91 -28.37 -14.82
N VAL A 72 11.40 -28.75 -13.62
CA VAL A 72 12.61 -28.19 -13.01
C VAL A 72 13.75 -29.20 -13.16
N THR A 73 14.92 -28.74 -13.66
CA THR A 73 16.08 -29.61 -13.85
C THR A 73 17.14 -29.29 -12.82
N MET A 74 17.48 -30.31 -12.01
CA MET A 74 18.47 -30.26 -10.94
C MET A 74 19.75 -30.95 -11.41
N SER A 75 20.85 -30.19 -11.50
CA SER A 75 22.14 -30.73 -11.89
C SER A 75 22.99 -30.87 -10.64
N VAL A 76 23.26 -32.12 -10.24
CA VAL A 76 24.05 -32.41 -9.04
C VAL A 76 25.30 -33.24 -9.36
N ASP A 77 26.31 -33.20 -8.48
CA ASP A 77 27.55 -33.97 -8.59
C ASP A 77 27.21 -35.46 -8.41
N ALA A 78 28.00 -36.35 -9.03
CA ALA A 78 27.80 -37.81 -8.94
C ALA A 78 27.90 -38.31 -7.50
N GLU A 79 28.68 -37.60 -6.66
CA GLU A 79 28.89 -37.91 -5.24
C GLU A 79 27.63 -37.59 -4.44
N CYS A 80 26.90 -36.53 -4.83
CA CYS A 80 25.72 -36.02 -4.13
C CYS A 80 24.38 -36.64 -4.56
N VAL A 81 24.39 -37.67 -5.40
CA VAL A 81 23.18 -38.36 -5.87
C VAL A 81 22.38 -39.00 -4.70
N PRO A 82 22.99 -39.73 -3.71
CA PRO A 82 22.17 -40.30 -2.62
C PRO A 82 21.59 -39.29 -1.63
N MET A 83 22.14 -38.05 -1.57
CA MET A 83 21.68 -37.02 -0.64
C MET A 83 20.54 -36.14 -1.19
N VAL A 84 20.17 -36.30 -2.48
CA VAL A 84 19.12 -35.50 -3.13
C VAL A 84 17.71 -35.81 -2.56
N ARG A 85 17.36 -37.10 -2.36
CA ARG A 85 16.05 -37.50 -1.81
C ARG A 85 15.77 -36.87 -0.45
N ASP A 86 16.77 -36.88 0.45
CA ASP A 86 16.65 -36.30 1.79
C ASP A 86 16.54 -34.78 1.73
N PHE A 87 17.28 -34.15 0.81
CA PHE A 87 17.29 -32.69 0.59
C PHE A 87 15.92 -32.18 0.15
N LEU A 88 15.28 -32.86 -0.82
CA LEU A 88 13.96 -32.50 -1.31
C LEU A 88 12.88 -32.75 -0.25
N ARG A 89 13.06 -33.82 0.56
CA ARG A 89 12.14 -34.17 1.66
C ARG A 89 12.21 -33.13 2.78
N TYR A 90 13.38 -32.48 2.95
CA TYR A 90 13.63 -31.43 3.94
C TYR A 90 12.71 -30.21 3.71
N PHE A 91 12.31 -29.97 2.44
CA PHE A 91 11.41 -28.87 2.09
C PHE A 91 9.99 -29.13 2.60
N TYR A 92 9.62 -30.42 2.71
CA TYR A 92 8.32 -30.88 3.21
C TYR A 92 8.36 -31.00 4.74
N SER A 93 9.17 -31.94 5.25
CA SER A 93 9.33 -32.29 6.67
C SER A 93 9.90 -31.17 7.56
N ARG A 94 10.73 -30.27 6.98
CA ARG A 94 11.41 -29.16 7.69
C ARG A 94 12.32 -29.69 8.79
N ARG A 95 12.85 -30.91 8.58
CA ARG A 95 13.74 -31.64 9.47
C ARG A 95 14.73 -32.45 8.63
N ILE A 96 16.02 -32.40 9.00
CA ILE A 96 17.08 -33.13 8.30
C ILE A 96 18.17 -33.61 9.27
N ASP A 97 18.65 -34.85 9.09
CA ASP A 97 19.72 -35.46 9.88
C ASP A 97 20.98 -35.47 9.02
N ILE A 98 22.03 -34.74 9.46
CA ILE A 98 23.29 -34.56 8.75
C ILE A 98 24.46 -35.26 9.45
N ALA A 99 25.17 -36.12 8.71
CA ALA A 99 26.34 -36.83 9.20
C ALA A 99 27.62 -36.20 8.61
N LEU A 100 28.81 -36.66 9.06
CA LEU A 100 30.12 -36.19 8.61
C LEU A 100 30.33 -36.38 7.09
N SER A 101 29.84 -37.50 6.55
CA SER A 101 29.97 -37.83 5.12
C SER A 101 29.05 -37.02 4.20
N SER A 102 27.90 -36.53 4.73
CA SER A 102 26.91 -35.79 3.94
C SER A 102 26.97 -34.25 4.08
N VAL A 103 27.64 -33.69 5.11
CA VAL A 103 27.75 -32.25 5.34
C VAL A 103 28.40 -31.51 4.14
N LYS A 104 29.32 -32.19 3.43
CA LYS A 104 30.01 -31.65 2.26
C LYS A 104 29.03 -31.52 1.07
N CYS A 105 28.24 -32.58 0.82
CA CYS A 105 27.27 -32.62 -0.26
C CYS A 105 26.04 -31.76 0.01
N PHE A 106 25.50 -31.78 1.25
CA PHE A 106 24.34 -30.96 1.61
C PHE A 106 24.61 -29.47 1.47
N HIS A 107 25.87 -29.03 1.76
CA HIS A 107 26.27 -27.63 1.63
C HIS A 107 26.29 -27.21 0.17
N LYS A 108 26.66 -28.14 -0.74
CA LYS A 108 26.69 -27.91 -2.19
C LYS A 108 25.27 -27.70 -2.73
N LEU A 109 24.32 -28.55 -2.28
CA LEU A 109 22.91 -28.51 -2.67
C LEU A 109 22.18 -27.27 -2.15
N ALA A 110 22.40 -26.90 -0.88
CA ALA A 110 21.78 -25.74 -0.26
C ALA A 110 22.25 -24.41 -0.87
N SER A 111 23.54 -24.34 -1.28
CA SER A 111 24.13 -23.15 -1.90
C SER A 111 23.61 -22.95 -3.33
N ALA A 112 23.46 -24.06 -4.07
CA ALA A 112 23.00 -24.04 -5.45
C ALA A 112 21.48 -23.95 -5.61
N TYR A 113 20.70 -24.27 -4.55
CA TYR A 113 19.23 -24.27 -4.65
C TYR A 113 18.52 -23.39 -3.59
N GLY A 114 19.22 -22.36 -3.12
CA GLY A 114 18.71 -21.35 -2.19
C GLY A 114 18.11 -21.79 -0.88
N ALA A 115 18.66 -22.85 -0.27
CA ALA A 115 18.24 -23.34 1.04
C ALA A 115 19.18 -22.71 2.07
N LYS A 116 19.05 -21.38 2.27
CA LYS A 116 19.86 -20.53 3.14
C LYS A 116 20.01 -21.04 4.59
N GLN A 117 18.93 -21.57 5.21
CA GLN A 117 18.96 -22.07 6.58
C GLN A 117 19.83 -23.32 6.69
N LEU A 118 19.75 -24.22 5.70
CA LEU A 118 20.52 -25.46 5.61
C LEU A 118 21.99 -25.14 5.31
N GLN A 119 22.25 -24.15 4.43
CA GLN A 119 23.59 -23.69 4.04
C GLN A 119 24.34 -23.14 5.25
N GLY A 120 23.64 -22.36 6.08
CA GLY A 120 24.18 -21.78 7.30
C GLY A 120 24.49 -22.81 8.36
N TYR A 121 23.66 -23.87 8.44
CA TYR A 121 23.83 -24.97 9.39
C TYR A 121 25.02 -25.85 9.02
N CYS A 122 25.16 -26.20 7.72
CA CYS A 122 26.26 -27.02 7.21
C CYS A 122 27.62 -26.33 7.37
N ALA A 123 27.66 -25.00 7.16
CA ALA A 123 28.87 -24.17 7.30
C ALA A 123 29.39 -24.14 8.72
N SER A 124 28.48 -24.13 9.72
CA SER A 124 28.81 -24.12 11.15
C SER A 124 29.29 -25.50 11.63
N LEU A 125 28.97 -26.58 10.87
CA LEU A 125 29.36 -27.94 11.21
C LEU A 125 30.83 -28.28 10.87
N PHE A 126 31.53 -27.40 10.12
CA PHE A 126 32.94 -27.59 9.76
C PHE A 126 33.87 -27.24 10.92
N THR B 6 29.34 -42.07 11.25
CA THR B 6 28.10 -42.74 11.60
C THR B 6 27.80 -42.62 13.10
N ARG B 7 28.82 -42.26 13.90
CA ARG B 7 28.76 -42.08 15.34
C ARG B 7 28.20 -40.71 15.76
N SER B 8 28.22 -39.72 14.85
CA SER B 8 27.76 -38.37 15.11
C SER B 8 26.74 -37.91 14.06
N THR B 9 25.54 -37.52 14.51
CA THR B 9 24.45 -37.05 13.65
C THR B 9 23.90 -35.72 14.17
N HIS B 10 23.93 -34.69 13.31
CA HIS B 10 23.48 -33.34 13.63
C HIS B 10 22.13 -33.09 12.95
N THR B 11 21.08 -32.85 13.74
CA THR B 11 19.72 -32.64 13.21
C THR B 11 19.23 -31.19 13.29
N LEU B 12 18.70 -30.67 12.16
CA LEU B 12 18.10 -29.34 12.05
C LEU B 12 16.59 -29.52 12.01
N ASP B 13 15.85 -28.79 12.86
CA ASP B 13 14.38 -28.90 12.94
C ASP B 13 13.70 -27.52 12.96
N LEU B 14 12.98 -27.21 11.88
CA LEU B 14 12.22 -25.97 11.70
C LEU B 14 10.73 -26.33 11.46
N SER B 15 10.34 -27.51 11.94
CA SER B 15 9.00 -28.09 11.77
C SER B 15 7.94 -27.52 12.73
N ARG B 16 8.36 -26.68 13.69
CA ARG B 16 7.48 -26.05 14.68
C ARG B 16 6.45 -25.09 14.04
N GLU B 17 6.82 -24.48 12.91
CA GLU B 17 6.00 -23.52 12.15
C GLU B 17 4.80 -24.17 11.46
N LEU B 18 4.95 -25.45 11.05
CA LEU B 18 4.02 -26.27 10.26
C LEU B 18 2.54 -26.24 10.68
N SER B 19 2.23 -26.03 11.98
CA SER B 19 0.82 -25.98 12.42
C SER B 19 0.11 -24.78 11.77
N GLU B 20 0.70 -23.58 11.90
CA GLU B 20 0.16 -22.36 11.33
C GLU B 20 0.42 -22.25 9.83
N VAL B 21 1.53 -22.83 9.33
CA VAL B 21 1.89 -22.84 7.90
C VAL B 21 0.75 -23.45 7.09
N LEU B 22 0.26 -24.62 7.53
CA LEU B 22 -0.84 -25.35 6.91
C LEU B 22 -2.18 -24.66 7.14
N GLY B 23 -2.33 -24.01 8.30
CA GLY B 23 -3.51 -23.25 8.66
C GLY B 23 -3.72 -22.04 7.77
N GLN B 24 -2.61 -21.36 7.43
CA GLN B 24 -2.59 -20.17 6.57
C GLN B 24 -2.87 -20.50 5.10
N ILE B 25 -2.67 -21.78 4.70
CA ILE B 25 -2.94 -22.26 3.34
C ILE B 25 -4.46 -22.28 3.16
N PHE B 26 -5.19 -22.71 4.21
CA PHE B 26 -6.66 -22.75 4.22
C PHE B 26 -7.23 -21.32 4.27
N ASP B 27 -6.65 -20.46 5.14
CA ASP B 27 -7.05 -19.06 5.33
C ASP B 27 -7.06 -18.27 4.03
N SER B 28 -6.00 -18.43 3.21
CA SER B 28 -5.82 -17.76 1.91
C SER B 28 -6.92 -18.08 0.89
N GLN B 29 -7.48 -19.31 0.94
CA GLN B 29 -8.53 -19.83 0.04
C GLN B 29 -8.13 -19.73 -1.46
N GLN B 30 -6.83 -19.93 -1.73
CA GLN B 30 -6.25 -19.87 -3.07
C GLN B 30 -5.57 -21.19 -3.43
N GLY B 31 -5.68 -21.58 -4.69
CA GLY B 31 -5.10 -22.82 -5.20
C GLY B 31 -5.86 -24.06 -4.77
N CYS B 32 -7.17 -23.90 -4.52
CA CYS B 32 -8.08 -24.97 -4.09
C CYS B 32 -8.43 -25.93 -5.21
N ASP B 33 -8.65 -27.20 -4.87
CA ASP B 33 -9.05 -28.24 -5.81
C ASP B 33 -10.22 -29.08 -5.25
N LEU B 34 -11.08 -28.43 -4.44
CA LEU B 34 -12.25 -29.00 -3.79
C LEU B 34 -13.15 -27.85 -3.35
N SER B 35 -14.46 -27.95 -3.61
CA SER B 35 -15.44 -26.94 -3.23
C SER B 35 -16.33 -27.46 -2.12
N ILE B 36 -16.31 -26.78 -0.97
CA ILE B 36 -17.09 -27.18 0.20
C ILE B 36 -18.28 -26.22 0.41
N SER B 37 -19.50 -26.70 0.11
CA SER B 37 -20.75 -25.94 0.23
C SER B 37 -21.44 -26.30 1.53
N VAL B 38 -21.55 -25.33 2.46
CA VAL B 38 -22.18 -25.54 3.76
C VAL B 38 -23.66 -25.13 3.69
N SER B 39 -24.55 -26.14 3.72
CA SER B 39 -26.01 -25.98 3.64
C SER B 39 -26.66 -26.09 5.00
N VAL B 40 -27.52 -25.10 5.32
CA VAL B 40 -28.27 -25.04 6.57
C VAL B 40 -29.75 -25.01 6.23
N GLN B 41 -30.51 -26.01 6.72
CA GLN B 41 -31.95 -26.22 6.51
C GLN B 41 -32.33 -26.23 5.02
N GLY B 42 -31.49 -26.87 4.21
CA GLY B 42 -31.68 -27.01 2.77
C GLY B 42 -30.84 -26.07 1.95
N GLU B 43 -31.13 -24.75 2.05
CA GLU B 43 -30.44 -23.70 1.30
C GLU B 43 -28.99 -23.47 1.74
N ASP B 44 -28.13 -23.11 0.77
CA ASP B 44 -26.71 -22.83 0.98
C ASP B 44 -26.51 -21.57 1.80
N ALA B 45 -25.81 -21.70 2.93
CA ALA B 45 -25.54 -20.58 3.84
C ALA B 45 -24.15 -19.97 3.63
N LEU B 46 -23.09 -20.79 3.72
CA LEU B 46 -21.71 -20.32 3.53
C LEU B 46 -20.88 -21.28 2.67
N GLY B 47 -19.86 -20.75 2.02
CA GLY B 47 -18.99 -21.51 1.13
C GLY B 47 -17.51 -21.44 1.47
N PHE B 48 -16.80 -22.55 1.25
CA PHE B 48 -15.38 -22.71 1.50
C PHE B 48 -14.73 -23.58 0.41
N CYS B 49 -13.39 -23.64 0.40
CA CYS B 49 -12.64 -24.49 -0.53
C CYS B 49 -11.51 -25.24 0.18
N GLY B 50 -11.18 -26.41 -0.35
CA GLY B 50 -10.16 -27.28 0.21
C GLY B 50 -9.03 -27.64 -0.73
N HIS B 51 -7.95 -28.22 -0.17
CA HIS B 51 -6.76 -28.70 -0.87
C HIS B 51 -6.65 -30.20 -0.58
N THR B 52 -7.03 -31.03 -1.57
CA THR B 52 -7.04 -32.51 -1.48
C THR B 52 -5.74 -33.10 -0.95
N ILE B 53 -4.57 -32.58 -1.39
CA ILE B 53 -3.23 -33.03 -1.01
C ILE B 53 -3.05 -33.01 0.53
N ILE B 54 -3.47 -31.91 1.18
CA ILE B 54 -3.38 -31.75 2.63
C ILE B 54 -4.46 -32.58 3.34
N LEU B 55 -5.71 -32.53 2.84
CA LEU B 55 -6.88 -33.21 3.40
C LEU B 55 -6.78 -34.74 3.40
N THR B 56 -6.29 -35.36 2.29
CA THR B 56 -6.13 -36.81 2.17
C THR B 56 -5.05 -37.38 3.12
N ALA B 57 -4.15 -36.51 3.61
CA ALA B 57 -3.09 -36.90 4.54
C ALA B 57 -3.63 -37.06 5.96
N ASN B 58 -4.75 -36.40 6.28
CA ASN B 58 -5.38 -36.43 7.60
C ASN B 58 -6.58 -37.37 7.64
N LEU B 59 -6.56 -38.32 8.60
CA LEU B 59 -7.62 -39.30 8.82
C LEU B 59 -8.90 -38.65 9.37
N GLU B 60 -8.75 -37.48 10.02
CA GLU B 60 -9.86 -36.69 10.58
C GLU B 60 -10.73 -36.11 9.46
N ALA B 61 -10.10 -35.74 8.33
CA ALA B 61 -10.75 -35.17 7.15
C ALA B 61 -11.25 -36.26 6.17
N GLN B 62 -11.50 -37.51 6.67
CA GLN B 62 -11.95 -38.68 5.90
C GLN B 62 -13.19 -38.40 5.04
N ALA B 63 -14.09 -37.52 5.53
CA ALA B 63 -15.31 -37.12 4.84
C ALA B 63 -14.98 -36.28 3.58
N LEU B 64 -13.87 -35.52 3.63
CA LEU B 64 -13.40 -34.66 2.54
C LEU B 64 -12.40 -35.36 1.59
N TRP B 65 -12.21 -36.69 1.74
CA TRP B 65 -11.32 -37.47 0.87
C TRP B 65 -12.04 -37.72 -0.46
N LYS B 66 -11.96 -36.74 -1.38
CA LYS B 66 -12.61 -36.79 -2.68
C LYS B 66 -11.65 -36.43 -3.83
N GLU B 67 -12.06 -36.74 -5.08
CA GLU B 67 -11.31 -36.46 -6.31
C GLU B 67 -11.02 -34.97 -6.48
N PRO B 68 -9.85 -34.57 -7.03
CA PRO B 68 -9.58 -33.13 -7.22
C PRO B 68 -10.54 -32.50 -8.24
N GLY B 69 -11.36 -31.59 -7.75
CA GLY B 69 -12.37 -30.89 -8.53
C GLY B 69 -13.79 -31.12 -8.06
N SER B 70 -13.98 -32.12 -7.15
CA SER B 70 -15.26 -32.52 -6.60
C SER B 70 -15.93 -31.42 -5.74
N ASN B 71 -17.28 -31.46 -5.69
CA ASN B 71 -18.10 -30.54 -4.90
C ASN B 71 -18.68 -31.32 -3.72
N VAL B 72 -18.28 -30.95 -2.49
CA VAL B 72 -18.71 -31.59 -1.25
C VAL B 72 -19.73 -30.70 -0.54
N THR B 73 -20.84 -31.31 -0.09
CA THR B 73 -21.91 -30.60 0.62
C THR B 73 -21.95 -31.00 2.10
N MET B 74 -21.87 -29.99 2.99
CA MET B 74 -21.92 -30.19 4.44
C MET B 74 -23.23 -29.65 5.01
N SER B 75 -24.07 -30.54 5.58
CA SER B 75 -25.35 -30.16 6.18
C SER B 75 -25.19 -30.02 7.70
N VAL B 76 -25.09 -28.78 8.18
CA VAL B 76 -24.89 -28.48 9.60
C VAL B 76 -26.09 -27.75 10.22
N ASP B 77 -26.15 -27.74 11.57
CA ASP B 77 -27.18 -27.06 12.35
C ASP B 77 -26.95 -25.55 12.26
N ALA B 78 -28.04 -24.76 12.41
CA ALA B 78 -27.99 -23.29 12.38
C ALA B 78 -27.17 -22.73 13.55
N GLU B 79 -27.12 -23.45 14.67
CA GLU B 79 -26.38 -23.09 15.88
C GLU B 79 -24.87 -23.26 15.66
N CYS B 80 -24.48 -24.28 14.86
CA CYS B 80 -23.10 -24.69 14.58
C CYS B 80 -22.42 -23.97 13.40
N VAL B 81 -23.08 -22.96 12.82
CA VAL B 81 -22.54 -22.18 11.69
C VAL B 81 -21.21 -21.45 12.07
N PRO B 82 -21.06 -20.77 13.23
CA PRO B 82 -19.76 -20.12 13.53
C PRO B 82 -18.59 -21.08 13.81
N MET B 83 -18.88 -22.37 14.10
CA MET B 83 -17.88 -23.40 14.39
C MET B 83 -17.34 -24.09 13.13
N VAL B 84 -17.96 -23.86 11.95
CA VAL B 84 -17.62 -24.47 10.67
C VAL B 84 -16.20 -24.12 10.21
N ARG B 85 -15.84 -22.81 10.22
CA ARG B 85 -14.52 -22.34 9.79
C ARG B 85 -13.35 -22.93 10.60
N ASP B 86 -13.50 -23.00 11.94
CA ASP B 86 -12.47 -23.55 12.84
C ASP B 86 -12.36 -25.06 12.73
N PHE B 87 -13.48 -25.75 12.42
CA PHE B 87 -13.56 -27.21 12.23
C PHE B 87 -12.80 -27.62 10.97
N LEU B 88 -12.98 -26.86 9.86
CA LEU B 88 -12.30 -27.13 8.59
C LEU B 88 -10.81 -26.80 8.68
N ARG B 89 -10.44 -25.74 9.43
CA ARG B 89 -9.06 -25.31 9.65
C ARG B 89 -8.30 -26.33 10.49
N TYR B 90 -9.02 -27.04 11.38
CA TYR B 90 -8.48 -28.09 12.25
C TYR B 90 -7.89 -29.26 11.43
N PHE B 91 -8.44 -29.49 10.22
CA PHE B 91 -7.95 -30.55 9.31
C PHE B 91 -6.56 -30.20 8.76
N TYR B 92 -6.27 -28.89 8.65
CA TYR B 92 -4.99 -28.36 8.16
C TYR B 92 -4.01 -28.22 9.33
N SER B 93 -4.32 -27.30 10.28
CA SER B 93 -3.49 -26.95 11.44
C SER B 93 -3.26 -28.08 12.45
N ARG B 94 -4.22 -29.03 12.55
CA ARG B 94 -4.20 -30.16 13.50
C ARG B 94 -4.16 -29.64 14.96
N ARG B 95 -4.78 -28.47 15.18
CA ARG B 95 -4.88 -27.76 16.45
C ARG B 95 -6.22 -27.01 16.49
N ILE B 96 -6.94 -27.05 17.63
CA ILE B 96 -8.24 -26.39 17.78
C ILE B 96 -8.48 -25.89 19.22
N ASP B 97 -8.99 -24.65 19.34
CA ASP B 97 -9.33 -24.02 20.63
C ASP B 97 -10.85 -24.15 20.86
N ILE B 98 -11.23 -24.94 21.87
CA ILE B 98 -12.64 -25.22 22.18
C ILE B 98 -13.06 -24.56 23.50
N ALA B 99 -14.23 -23.89 23.51
CA ALA B 99 -14.83 -23.24 24.67
C ALA B 99 -16.10 -23.99 25.13
N LEU B 100 -16.66 -23.58 26.30
CA LEU B 100 -17.86 -24.18 26.90
C LEU B 100 -19.08 -24.10 25.96
N SER B 101 -19.22 -22.96 25.25
CA SER B 101 -20.34 -22.72 24.33
C SER B 101 -20.22 -23.47 23.00
N SER B 102 -19.00 -23.84 22.60
CA SER B 102 -18.75 -24.52 21.33
C SER B 102 -18.58 -26.04 21.42
N VAL B 103 -18.21 -26.57 22.61
CA VAL B 103 -17.98 -28.01 22.84
C VAL B 103 -19.20 -28.88 22.42
N LYS B 104 -20.42 -28.34 22.56
CA LYS B 104 -21.67 -29.00 22.16
C LYS B 104 -21.73 -29.12 20.63
N CYS B 105 -21.41 -28.02 19.92
CA CYS B 105 -21.40 -27.96 18.45
C CYS B 105 -20.25 -28.73 17.82
N PHE B 106 -19.03 -28.62 18.38
CA PHE B 106 -17.84 -29.30 17.88
C PHE B 106 -17.93 -30.82 17.98
N HIS B 107 -18.73 -31.34 18.93
CA HIS B 107 -18.97 -32.77 19.10
C HIS B 107 -19.96 -33.25 18.04
N LYS B 108 -20.94 -32.40 17.64
CA LYS B 108 -21.92 -32.71 16.61
C LYS B 108 -21.24 -32.83 15.25
N LEU B 109 -20.32 -31.91 14.93
CA LEU B 109 -19.56 -31.85 13.69
C LEU B 109 -18.62 -33.05 13.53
N ALA B 110 -17.85 -33.37 14.59
CA ALA B 110 -16.90 -34.49 14.61
C ALA B 110 -17.56 -35.86 14.47
N SER B 111 -18.76 -36.03 15.06
CA SER B 111 -19.52 -37.28 15.01
C SER B 111 -20.12 -37.50 13.62
N ALA B 112 -20.60 -36.43 12.98
CA ALA B 112 -21.21 -36.46 11.66
C ALA B 112 -20.22 -36.47 10.49
N TYR B 113 -18.95 -36.07 10.72
CA TYR B 113 -17.98 -36.01 9.61
C TYR B 113 -16.66 -36.79 9.86
N GLY B 114 -16.76 -37.84 10.67
CA GLY B 114 -15.68 -38.78 10.98
C GLY B 114 -14.39 -38.25 11.58
N ALA B 115 -14.47 -37.18 12.41
CA ALA B 115 -13.30 -36.61 13.09
C ALA B 115 -13.23 -37.24 14.49
N LYS B 116 -12.88 -38.54 14.53
CA LYS B 116 -12.82 -39.39 15.72
C LYS B 116 -11.97 -38.83 16.87
N GLN B 117 -10.80 -38.22 16.58
CA GLN B 117 -9.91 -37.65 17.59
C GLN B 117 -10.55 -36.45 18.29
N LEU B 118 -11.24 -35.60 17.51
CA LEU B 118 -11.96 -34.42 17.99
C LEU B 118 -13.19 -34.83 18.80
N GLN B 119 -13.91 -35.87 18.33
CA GLN B 119 -15.10 -36.43 18.97
C GLN B 119 -14.76 -36.97 20.36
N GLY B 120 -13.62 -37.65 20.48
CA GLY B 120 -13.10 -38.21 21.72
C GLY B 120 -12.68 -37.15 22.71
N TYR B 121 -12.10 -36.04 22.20
CA TYR B 121 -11.65 -34.91 23.00
C TYR B 121 -12.83 -34.13 23.58
N CYS B 122 -13.86 -33.85 22.74
CA CYS B 122 -15.06 -33.13 23.15
C CYS B 122 -15.86 -33.88 24.21
N ALA B 123 -15.95 -35.22 24.08
CA ALA B 123 -16.67 -36.10 25.00
C ALA B 123 -16.03 -36.10 26.40
N SER B 124 -14.68 -36.04 26.47
CA SER B 124 -13.92 -36.02 27.72
C SER B 124 -14.00 -34.64 28.41
N LEU B 125 -14.29 -33.59 27.64
CA LEU B 125 -14.39 -32.22 28.12
C LEU B 125 -15.60 -31.95 28.98
N PHE B 126 -16.74 -32.59 28.72
CA PHE B 126 -17.91 -32.26 29.53
C PHE B 126 -17.91 -32.94 30.90
N ALA B 127 -17.02 -33.92 31.11
CA ALA B 127 -16.82 -34.52 32.44
C ALA B 127 -16.25 -33.42 33.37
N ILE B 128 -15.58 -32.41 32.77
CA ILE B 128 -14.95 -31.25 33.40
C ILE B 128 -15.93 -30.06 33.42
N LEU B 129 -16.76 -29.92 32.39
CA LEU B 129 -17.70 -28.81 32.28
C LEU B 129 -19.13 -29.15 32.72
N SER B 130 -19.32 -30.30 33.40
CA SER B 130 -20.63 -30.75 33.92
C SER B 130 -21.26 -29.74 34.89
N ARG B 131 -20.43 -28.91 35.53
CA ARG B 131 -20.81 -27.85 36.46
C ARG B 131 -20.92 -26.50 35.71
N ASP B 132 -21.39 -25.44 36.42
CA ASP B 132 -21.56 -24.09 35.86
C ASP B 132 -20.21 -23.49 35.40
N ASP B 133 -19.37 -23.03 36.36
CA ASP B 133 -18.03 -22.44 36.13
C ASP B 133 -17.23 -22.39 37.44
N SER C 8 30.28 -1.50 -3.27
CA SER C 8 29.44 -0.36 -3.58
C SER C 8 28.18 -0.79 -4.35
N THR C 9 27.00 -0.51 -3.75
CA THR C 9 25.70 -0.85 -4.33
C THR C 9 24.80 0.39 -4.32
N HIS C 10 24.32 0.78 -5.53
CA HIS C 10 23.45 1.93 -5.75
C HIS C 10 22.03 1.44 -6.01
N THR C 11 21.09 1.82 -5.13
CA THR C 11 19.70 1.37 -5.16
C THR C 11 18.74 2.42 -5.71
N LEU C 12 17.84 1.99 -6.62
CA LEU C 12 16.80 2.80 -7.23
C LEU C 12 15.48 2.48 -6.54
N ASP C 13 14.77 3.51 -6.06
CA ASP C 13 13.51 3.34 -5.36
C ASP C 13 12.40 4.23 -5.90
N LEU C 14 11.43 3.62 -6.58
CA LEU C 14 10.26 4.28 -7.16
C LEU C 14 9.00 3.61 -6.56
N SER C 15 9.17 3.02 -5.36
CA SER C 15 8.13 2.30 -4.62
C SER C 15 7.13 3.21 -3.89
N ARG C 16 7.41 4.53 -3.84
CA ARG C 16 6.55 5.53 -3.18
C ARG C 16 5.18 5.67 -3.85
N GLU C 17 5.10 5.39 -5.17
CA GLU C 17 3.89 5.46 -6.00
C GLU C 17 2.90 4.34 -5.69
N LEU C 18 3.40 3.16 -5.26
CA LEU C 18 2.65 1.91 -4.97
C LEU C 18 1.37 2.07 -4.13
N SER C 19 1.30 3.07 -3.24
CA SER C 19 0.10 3.32 -2.42
C SER C 19 -1.07 3.69 -3.33
N GLU C 20 -0.89 4.69 -4.22
CA GLU C 20 -1.91 5.12 -5.18
C GLU C 20 -2.06 4.18 -6.36
N VAL C 21 -0.95 3.49 -6.76
CA VAL C 21 -0.93 2.53 -7.87
C VAL C 21 -1.96 1.41 -7.61
N LEU C 22 -1.94 0.85 -6.38
CA LEU C 22 -2.85 -0.20 -5.93
C LEU C 22 -4.25 0.36 -5.69
N GLY C 23 -4.33 1.61 -5.26
CA GLY C 23 -5.58 2.32 -5.01
C GLY C 23 -6.36 2.54 -6.29
N GLN C 24 -5.64 2.87 -7.39
CA GLN C 24 -6.20 3.11 -8.73
C GLN C 24 -6.68 1.82 -9.40
N ILE C 25 -6.18 0.64 -8.95
CA ILE C 25 -6.60 -0.68 -9.44
C ILE C 25 -8.03 -0.94 -8.95
N PHE C 26 -8.32 -0.54 -7.70
CA PHE C 26 -9.65 -0.65 -7.11
C PHE C 26 -10.60 0.35 -7.74
N ASP C 27 -10.15 1.61 -7.93
CA ASP C 27 -10.92 2.71 -8.53
C ASP C 27 -11.48 2.35 -9.90
N SER C 28 -10.65 1.71 -10.76
CA SER C 28 -11.01 1.28 -12.12
C SER C 28 -12.15 0.27 -12.18
N GLN C 29 -12.26 -0.60 -11.14
CA GLN C 29 -13.28 -1.65 -11.01
C GLN C 29 -13.30 -2.62 -12.23
N GLN C 30 -12.11 -2.87 -12.80
CA GLN C 30 -11.91 -3.74 -13.96
C GLN C 30 -10.98 -4.89 -13.63
N GLY C 31 -11.29 -6.08 -14.17
CA GLY C 31 -10.52 -7.30 -13.96
C GLY C 31 -10.72 -7.90 -12.59
N CYS C 32 -11.90 -7.67 -11.99
CA CYS C 32 -12.29 -8.16 -10.68
C CYS C 32 -12.62 -9.65 -10.69
N ASP C 33 -12.36 -10.32 -9.56
CA ASP C 33 -12.66 -11.74 -9.36
C ASP C 33 -13.31 -11.99 -8.00
N LEU C 34 -14.08 -10.99 -7.51
CA LEU C 34 -14.81 -11.00 -6.25
C LEU C 34 -15.89 -9.93 -6.32
N SER C 35 -17.11 -10.26 -5.88
CA SER C 35 -18.24 -9.32 -5.89
C SER C 35 -18.65 -8.96 -4.47
N ILE C 36 -18.60 -7.66 -4.15
CA ILE C 36 -18.95 -7.14 -2.81
C ILE C 36 -20.32 -6.42 -2.86
N SER C 37 -21.37 -7.09 -2.34
CA SER C 37 -22.71 -6.54 -2.28
C SER C 37 -22.92 -5.88 -0.92
N VAL C 38 -23.04 -4.55 -0.90
CA VAL C 38 -23.24 -3.79 0.33
C VAL C 38 -24.74 -3.60 0.57
N SER C 39 -25.27 -4.26 1.62
CA SER C 39 -26.68 -4.20 2.00
C SER C 39 -26.90 -3.30 3.22
N VAL C 40 -27.87 -2.38 3.10
CA VAL C 40 -28.25 -1.42 4.15
C VAL C 40 -29.74 -1.59 4.42
N GLN C 41 -30.09 -1.92 5.68
CA GLN C 41 -31.47 -2.16 6.17
C GLN C 41 -32.21 -3.24 5.35
N GLY C 42 -31.46 -4.28 4.97
CA GLY C 42 -31.97 -5.41 4.21
C GLY C 42 -31.64 -5.36 2.73
N GLU C 43 -32.20 -4.36 2.02
CA GLU C 43 -32.02 -4.18 0.58
C GLU C 43 -30.61 -3.75 0.20
N ASP C 44 -30.15 -4.18 -0.99
CA ASP C 44 -28.84 -3.85 -1.54
C ASP C 44 -28.81 -2.37 -1.94
N ALA C 45 -27.88 -1.61 -1.33
CA ALA C 45 -27.72 -0.17 -1.55
C ALA C 45 -26.64 0.13 -2.58
N LEU C 46 -25.40 -0.36 -2.33
CA LEU C 46 -24.24 -0.13 -3.17
C LEU C 46 -23.51 -1.42 -3.53
N GLY C 47 -22.87 -1.43 -4.69
CA GLY C 47 -22.12 -2.58 -5.17
C GLY C 47 -20.69 -2.23 -5.54
N PHE C 48 -19.76 -3.15 -5.24
CA PHE C 48 -18.33 -3.02 -5.54
C PHE C 48 -17.74 -4.37 -5.95
N CYS C 49 -16.49 -4.35 -6.45
CA CYS C 49 -15.77 -5.57 -6.83
C CYS C 49 -14.32 -5.55 -6.32
N GLY C 50 -13.77 -6.73 -6.06
CA GLY C 50 -12.42 -6.89 -5.55
C GLY C 50 -11.51 -7.77 -6.38
N HIS C 51 -10.21 -7.69 -6.07
CA HIS C 51 -9.15 -8.48 -6.71
C HIS C 51 -8.50 -9.35 -5.63
N THR C 52 -8.84 -10.66 -5.61
CA THR C 52 -8.36 -11.64 -4.62
C THR C 52 -6.85 -11.63 -4.43
N ILE C 53 -6.07 -11.50 -5.52
CA ILE C 53 -4.60 -11.46 -5.53
C ILE C 53 -4.06 -10.35 -4.60
N ILE C 54 -4.62 -9.14 -4.69
CA ILE C 54 -4.21 -8.00 -3.86
C ILE C 54 -4.76 -8.15 -2.43
N LEU C 55 -6.05 -8.54 -2.30
CA LEU C 55 -6.75 -8.69 -1.01
C LEU C 55 -6.16 -9.77 -0.11
N THR C 56 -5.81 -10.96 -0.66
CA THR C 56 -5.22 -12.06 0.12
C THR C 56 -3.81 -11.74 0.65
N ALA C 57 -3.14 -10.72 0.08
CA ALA C 57 -1.82 -10.26 0.50
C ALA C 57 -1.89 -9.40 1.76
N ASN C 58 -3.06 -8.77 2.03
CA ASN C 58 -3.29 -7.92 3.19
C ASN C 58 -4.06 -8.66 4.29
N LEU C 59 -3.49 -8.66 5.51
CA LEU C 59 -4.08 -9.30 6.70
C LEU C 59 -5.34 -8.53 7.21
N GLU C 60 -5.48 -7.25 6.82
CA GLU C 60 -6.64 -6.41 7.17
C GLU C 60 -7.87 -6.88 6.38
N ALA C 61 -7.67 -7.26 5.11
CA ALA C 61 -8.70 -7.73 4.19
C ALA C 61 -9.13 -9.19 4.45
N GLN C 62 -8.82 -9.72 5.66
CA GLN C 62 -9.10 -11.08 6.16
C GLN C 62 -10.54 -11.55 5.87
N ALA C 63 -11.53 -10.66 6.03
CA ALA C 63 -12.95 -10.94 5.79
C ALA C 63 -13.21 -11.32 4.33
N LEU C 64 -12.37 -10.78 3.41
CA LEU C 64 -12.47 -10.95 1.97
C LEU C 64 -11.55 -12.02 1.36
N TRP C 65 -10.83 -12.82 2.19
CA TRP C 65 -9.95 -13.91 1.69
C TRP C 65 -10.83 -15.09 1.24
N LYS C 66 -11.48 -14.94 0.07
CA LYS C 66 -12.41 -15.91 -0.51
C LYS C 66 -11.94 -16.41 -1.89
N GLU C 67 -12.56 -17.49 -2.38
CA GLU C 67 -12.31 -18.12 -3.70
C GLU C 67 -12.54 -17.11 -4.84
N PRO C 68 -11.73 -17.15 -5.94
CA PRO C 68 -11.98 -16.23 -7.05
C PRO C 68 -13.31 -16.54 -7.75
N GLY C 69 -14.23 -15.58 -7.66
CA GLY C 69 -15.57 -15.66 -8.22
C GLY C 69 -16.68 -15.59 -7.17
N SER C 70 -16.30 -15.67 -5.87
CA SER C 70 -17.22 -15.63 -4.72
C SER C 70 -17.94 -14.30 -4.56
N ASN C 71 -19.15 -14.36 -3.97
CA ASN C 71 -20.00 -13.19 -3.70
C ASN C 71 -20.01 -12.95 -2.19
N VAL C 72 -19.44 -11.80 -1.75
CA VAL C 72 -19.36 -11.41 -0.34
C VAL C 72 -20.40 -10.33 -0.05
N THR C 73 -21.15 -10.49 1.06
CA THR C 73 -22.19 -9.53 1.46
C THR C 73 -21.76 -8.75 2.69
N MET C 74 -21.79 -7.41 2.58
CA MET C 74 -21.43 -6.49 3.67
C MET C 74 -22.67 -5.76 4.20
N SER C 75 -23.01 -5.99 5.48
CA SER C 75 -24.15 -5.33 6.11
C SER C 75 -23.64 -4.16 6.95
N VAL C 76 -23.82 -2.93 6.45
CA VAL C 76 -23.36 -1.70 7.10
C VAL C 76 -24.53 -0.76 7.47
N ASP C 77 -24.25 0.18 8.40
CA ASP C 77 -25.21 1.19 8.86
C ASP C 77 -25.44 2.22 7.75
N ALA C 78 -26.62 2.87 7.75
CA ALA C 78 -26.98 3.90 6.78
C ALA C 78 -26.09 5.15 6.90
N GLU C 79 -25.56 5.40 8.12
CA GLU C 79 -24.67 6.52 8.43
C GLU C 79 -23.28 6.28 7.83
N CYS C 80 -22.86 5.00 7.78
CA CYS C 80 -21.53 4.58 7.33
C CYS C 80 -21.42 4.29 5.83
N VAL C 81 -22.46 4.59 5.03
CA VAL C 81 -22.47 4.37 3.57
C VAL C 81 -21.36 5.19 2.86
N PRO C 82 -21.11 6.51 3.15
CA PRO C 82 -20.02 7.21 2.44
C PRO C 82 -18.60 6.76 2.81
N MET C 83 -18.46 6.04 3.94
CA MET C 83 -17.18 5.52 4.44
C MET C 83 -16.80 4.13 3.88
N VAL C 84 -17.73 3.48 3.14
CA VAL C 84 -17.57 2.13 2.54
C VAL C 84 -16.47 2.11 1.46
N ARG C 85 -16.53 3.05 0.50
CA ARG C 85 -15.57 3.16 -0.60
C ARG C 85 -14.13 3.36 -0.12
N ASP C 86 -13.93 4.24 0.89
CA ASP C 86 -12.63 4.54 1.50
C ASP C 86 -12.07 3.38 2.31
N PHE C 87 -12.96 2.60 2.96
CA PHE C 87 -12.62 1.42 3.77
C PHE C 87 -12.11 0.28 2.89
N LEU C 88 -12.78 0.03 1.75
CA LEU C 88 -12.38 -1.02 0.80
C LEU C 88 -11.10 -0.65 0.07
N ARG C 89 -10.91 0.66 -0.23
CA ARG C 89 -9.72 1.19 -0.89
C ARG C 89 -8.50 1.11 0.02
N TYR C 90 -8.73 1.18 1.36
CA TYR C 90 -7.70 1.07 2.40
C TYR C 90 -6.99 -0.30 2.35
N PHE C 91 -7.70 -1.35 1.89
CA PHE C 91 -7.13 -2.69 1.73
C PHE C 91 -6.10 -2.74 0.60
N TYR C 92 -6.29 -1.87 -0.42
CA TYR C 92 -5.40 -1.75 -1.58
C TYR C 92 -4.27 -0.77 -1.27
N SER C 93 -4.62 0.52 -1.06
CA SER C 93 -3.71 1.64 -0.82
C SER C 93 -2.89 1.55 0.47
N ARG C 94 -3.42 0.87 1.52
CA ARG C 94 -2.81 0.73 2.85
C ARG C 94 -2.58 2.08 3.52
N ARG C 95 -3.46 3.05 3.18
CA ARG C 95 -3.46 4.43 3.65
C ARG C 95 -4.92 4.92 3.74
N ILE C 96 -5.26 5.62 4.85
CA ILE C 96 -6.61 6.15 5.08
C ILE C 96 -6.59 7.47 5.87
N ASP C 97 -7.39 8.46 5.42
CA ASP C 97 -7.53 9.77 6.06
C ASP C 97 -8.81 9.77 6.88
N ILE C 98 -8.66 9.87 8.23
CA ILE C 98 -9.78 9.82 9.18
C ILE C 98 -10.01 11.17 9.86
N ALA C 99 -11.27 11.62 9.90
CA ALA C 99 -11.71 12.87 10.51
C ALA C 99 -12.61 12.58 11.74
N LEU C 100 -13.01 13.63 12.48
CA LEU C 100 -13.86 13.55 13.67
C LEU C 100 -15.22 12.91 13.37
N SER C 101 -15.82 13.23 12.20
CA SER C 101 -17.12 12.73 11.77
C SER C 101 -17.09 11.27 11.30
N SER C 102 -15.93 10.81 10.81
CA SER C 102 -15.74 9.46 10.24
C SER C 102 -15.15 8.42 11.21
N VAL C 103 -14.46 8.86 12.29
CA VAL C 103 -13.81 7.98 13.28
C VAL C 103 -14.79 7.00 13.95
N LYS C 104 -16.06 7.42 14.13
CA LYS C 104 -17.12 6.60 14.71
C LYS C 104 -17.49 5.46 13.75
N CYS C 105 -17.68 5.79 12.46
CA CYS C 105 -18.04 4.83 11.42
C CYS C 105 -16.92 3.88 11.04
N PHE C 106 -15.69 4.42 10.86
CA PHE C 106 -14.52 3.60 10.51
C PHE C 106 -14.18 2.54 11.58
N HIS C 107 -14.47 2.84 12.87
CA HIS C 107 -14.26 1.91 13.99
C HIS C 107 -15.29 0.77 13.93
N LYS C 108 -16.53 1.08 13.50
CA LYS C 108 -17.62 0.10 13.35
C LYS C 108 -17.28 -0.91 12.25
N LEU C 109 -16.77 -0.41 11.12
CA LEU C 109 -16.37 -1.16 9.91
C LEU C 109 -15.19 -2.10 10.19
N ALA C 110 -14.14 -1.60 10.87
CA ALA C 110 -12.92 -2.32 11.22
C ALA C 110 -13.15 -3.45 12.23
N SER C 111 -14.08 -3.23 13.20
CA SER C 111 -14.42 -4.20 14.23
C SER C 111 -15.23 -5.35 13.66
N ALA C 112 -16.16 -5.06 12.74
CA ALA C 112 -17.03 -6.03 12.12
C ALA C 112 -16.40 -6.80 10.95
N TYR C 113 -15.29 -6.28 10.36
CA TYR C 113 -14.68 -6.94 9.19
C TYR C 113 -13.17 -7.25 9.34
N GLY C 114 -12.72 -7.45 10.58
CA GLY C 114 -11.37 -7.86 10.94
C GLY C 114 -10.20 -6.99 10.52
N ALA C 115 -10.39 -5.66 10.47
CA ALA C 115 -9.32 -4.72 10.15
C ALA C 115 -8.73 -4.21 11.47
N LYS C 116 -8.01 -5.10 12.17
CA LYS C 116 -7.41 -4.89 13.50
C LYS C 116 -6.51 -3.66 13.62
N GLN C 117 -5.69 -3.34 12.59
CA GLN C 117 -4.79 -2.19 12.60
C GLN C 117 -5.57 -0.87 12.58
N LEU C 118 -6.65 -0.82 11.78
CA LEU C 118 -7.54 0.33 11.64
C LEU C 118 -8.36 0.51 12.92
N GLN C 119 -8.84 -0.60 13.51
CA GLN C 119 -9.63 -0.64 14.74
C GLN C 119 -8.82 -0.07 15.92
N GLY C 120 -7.54 -0.43 15.99
CA GLY C 120 -6.62 0.02 17.02
C GLY C 120 -6.29 1.50 16.89
N TYR C 121 -6.20 1.99 15.65
CA TYR C 121 -5.91 3.40 15.35
C TYR C 121 -7.11 4.30 15.69
N CYS C 122 -8.33 3.88 15.31
CA CYS C 122 -9.56 4.62 15.59
C CYS C 122 -9.85 4.74 17.09
N ALA C 123 -9.58 3.66 17.85
CA ALA C 123 -9.77 3.59 19.31
C ALA C 123 -8.87 4.58 20.05
N SER C 124 -7.62 4.75 19.57
CA SER C 124 -6.63 5.67 20.15
C SER C 124 -6.94 7.14 19.82
N LEU C 125 -7.71 7.37 18.74
CA LEU C 125 -8.10 8.70 18.28
C LEU C 125 -9.12 9.40 19.18
N PHE C 126 -9.91 8.62 19.96
CA PHE C 126 -10.93 9.15 20.88
C PHE C 126 -10.33 9.90 22.07
N ARG D 7 -10.80 20.50 9.28
CA ARG D 7 -9.85 21.25 10.10
C ARG D 7 -8.75 20.36 10.67
N SER D 8 -9.08 19.12 11.07
CA SER D 8 -8.14 18.14 11.61
C SER D 8 -8.33 16.78 10.94
N THR D 9 -7.27 16.26 10.30
CA THR D 9 -7.29 14.97 9.61
C THR D 9 -6.11 14.11 10.07
N HIS D 10 -6.42 12.91 10.58
CA HIS D 10 -5.43 11.95 11.09
C HIS D 10 -5.29 10.80 10.10
N THR D 11 -4.07 10.65 9.54
CA THR D 11 -3.77 9.66 8.51
C THR D 11 -2.95 8.46 9.02
N LEU D 12 -3.40 7.24 8.67
CA LEU D 12 -2.74 5.98 9.00
C LEU D 12 -2.04 5.50 7.73
N ASP D 13 -0.74 5.17 7.83
CA ASP D 13 0.05 4.72 6.68
C ASP D 13 0.83 3.44 6.95
N LEU D 14 0.40 2.35 6.29
CA LEU D 14 1.01 1.02 6.38
C LEU D 14 1.41 0.59 4.94
N SER D 15 1.60 1.59 4.07
CA SER D 15 1.96 1.41 2.66
C SER D 15 3.44 1.09 2.41
N ARG D 16 4.28 1.17 3.45
CA ARG D 16 5.73 0.88 3.37
C ARG D 16 6.03 -0.59 3.02
N GLU D 17 5.11 -1.51 3.37
CA GLU D 17 5.22 -2.95 3.13
C GLU D 17 5.06 -3.32 1.65
N LEU D 18 4.22 -2.54 0.92
CA LEU D 18 3.82 -2.73 -0.48
C LEU D 18 4.93 -3.06 -1.49
N SER D 19 6.17 -2.57 -1.26
CA SER D 19 7.29 -2.86 -2.16
C SER D 19 7.57 -4.35 -2.17
N GLU D 20 7.77 -4.95 -0.99
CA GLU D 20 8.02 -6.38 -0.84
C GLU D 20 6.76 -7.23 -1.00
N VAL D 21 5.58 -6.69 -0.64
CA VAL D 21 4.27 -7.36 -0.76
C VAL D 21 4.06 -7.78 -2.22
N LEU D 22 4.27 -6.84 -3.15
CA LEU D 22 4.13 -7.04 -4.59
C LEU D 22 5.27 -7.90 -5.14
N GLY D 23 6.45 -7.76 -4.55
CA GLY D 23 7.63 -8.53 -4.91
C GLY D 23 7.47 -10.01 -4.62
N GLN D 24 6.84 -10.31 -3.47
CA GLN D 24 6.56 -11.68 -3.02
C GLN D 24 5.48 -12.38 -3.84
N ILE D 25 4.63 -11.59 -4.54
CA ILE D 25 3.57 -12.11 -5.43
C ILE D 25 4.26 -12.72 -6.66
N PHE D 26 5.32 -12.06 -7.15
CA PHE D 26 6.11 -12.54 -8.28
C PHE D 26 6.94 -13.76 -7.87
N ASP D 27 7.58 -13.71 -6.68
CA ASP D 27 8.41 -14.77 -6.12
C ASP D 27 7.68 -16.10 -6.03
N SER D 28 6.40 -16.08 -5.58
CA SER D 28 5.54 -17.25 -5.42
C SER D 28 5.26 -18.00 -6.73
N GLN D 29 5.19 -17.26 -7.86
CA GLN D 29 4.91 -17.76 -9.21
C GLN D 29 3.58 -18.55 -9.28
N GLN D 30 2.59 -18.12 -8.49
CA GLN D 30 1.26 -18.73 -8.41
C GLN D 30 0.17 -17.73 -8.77
N GLY D 31 -0.86 -18.21 -9.47
CA GLY D 31 -1.98 -17.39 -9.92
C GLY D 31 -1.64 -16.48 -11.09
N CYS D 32 -0.67 -16.90 -11.90
CA CYS D 32 -0.17 -16.18 -13.08
C CYS D 32 -1.16 -16.27 -14.24
N ASP D 33 -1.19 -15.22 -15.08
CA ASP D 33 -2.02 -15.15 -16.28
C ASP D 33 -1.22 -14.62 -17.47
N LEU D 34 0.10 -14.91 -17.49
CA LEU D 34 1.05 -14.51 -18.52
C LEU D 34 2.28 -15.44 -18.39
N SER D 35 2.78 -15.95 -19.53
CA SER D 35 3.93 -16.84 -19.55
C SER D 35 5.13 -16.15 -20.21
N ILE D 36 6.23 -16.01 -19.48
CA ILE D 36 7.44 -15.36 -19.98
C ILE D 36 8.54 -16.40 -20.23
N SER D 37 8.85 -16.62 -21.52
CA SER D 37 9.89 -17.55 -21.96
C SER D 37 11.15 -16.78 -22.29
N VAL D 38 12.20 -16.95 -21.50
CA VAL D 38 13.47 -16.26 -21.72
C VAL D 38 14.39 -17.16 -22.56
N SER D 39 14.66 -16.73 -23.81
CA SER D 39 15.49 -17.43 -24.79
C SER D 39 16.88 -16.79 -24.91
N VAL D 40 17.92 -17.63 -24.85
CA VAL D 40 19.33 -17.23 -24.98
C VAL D 40 19.95 -18.02 -26.12
N GLN D 41 20.47 -17.30 -27.14
CA GLN D 41 21.08 -17.83 -28.37
C GLN D 41 20.15 -18.78 -29.14
N GLY D 42 18.86 -18.47 -29.14
CA GLY D 42 17.83 -19.25 -29.82
C GLY D 42 17.02 -20.12 -28.89
N GLU D 43 17.66 -21.12 -28.25
CA GLU D 43 17.02 -22.08 -27.34
C GLU D 43 16.58 -21.44 -26.03
N ASP D 44 15.48 -21.97 -25.46
CA ASP D 44 14.91 -21.51 -24.18
C ASP D 44 15.83 -21.89 -23.03
N ALA D 45 16.27 -20.89 -22.25
CA ALA D 45 17.16 -21.08 -21.11
C ALA D 45 16.39 -21.16 -19.78
N LEU D 46 15.59 -20.10 -19.46
CA LEU D 46 14.81 -20.03 -18.24
C LEU D 46 13.39 -19.52 -18.49
N GLY D 47 12.47 -19.93 -17.62
CA GLY D 47 11.05 -19.59 -17.71
C GLY D 47 10.50 -18.92 -16.47
N PHE D 48 9.56 -17.98 -16.68
CA PHE D 48 8.88 -17.22 -15.63
C PHE D 48 7.41 -16.99 -15.97
N CYS D 49 6.63 -16.46 -15.00
CA CYS D 49 5.23 -16.11 -15.20
C CYS D 49 4.88 -14.75 -14.59
N GLY D 50 3.90 -14.09 -15.18
CA GLY D 50 3.48 -12.76 -14.74
C GLY D 50 2.00 -12.63 -14.39
N HIS D 51 1.67 -11.51 -13.75
CA HIS D 51 0.31 -11.15 -13.35
C HIS D 51 -0.04 -9.84 -14.05
N THR D 52 -0.87 -9.93 -15.12
CA THR D 52 -1.28 -8.80 -15.97
C THR D 52 -1.81 -7.59 -15.18
N ILE D 53 -2.62 -7.85 -14.12
CA ILE D 53 -3.21 -6.82 -13.26
C ILE D 53 -2.14 -5.90 -12.66
N ILE D 54 -1.05 -6.47 -12.13
CA ILE D 54 0.05 -5.71 -11.54
C ILE D 54 0.92 -5.06 -12.64
N LEU D 55 1.26 -5.84 -13.69
CA LEU D 55 2.10 -5.41 -14.82
C LEU D 55 1.53 -4.24 -15.63
N THR D 56 0.21 -4.25 -15.95
CA THR D 56 -0.46 -3.19 -16.71
C THR D 56 -0.53 -1.86 -15.95
N ALA D 57 -0.35 -1.89 -14.61
CA ALA D 57 -0.36 -0.72 -13.75
C ALA D 57 0.97 0.04 -13.83
N ASN D 58 2.05 -0.65 -14.21
CA ASN D 58 3.40 -0.07 -14.32
C ASN D 58 3.77 0.22 -15.77
N LEU D 59 4.17 1.48 -16.03
CA LEU D 59 4.59 1.98 -17.35
C LEU D 59 5.93 1.36 -17.78
N GLU D 60 6.75 0.91 -16.81
CA GLU D 60 8.04 0.27 -17.05
C GLU D 60 7.86 -1.11 -17.68
N ALA D 61 6.78 -1.80 -17.29
CA ALA D 61 6.43 -3.13 -17.79
C ALA D 61 5.62 -3.08 -19.08
N GLN D 62 5.76 -1.96 -19.83
CA GLN D 62 5.12 -1.64 -21.12
C GLN D 62 5.17 -2.80 -22.12
N ALA D 63 6.30 -3.52 -22.17
CA ALA D 63 6.55 -4.65 -23.07
C ALA D 63 5.71 -5.85 -22.69
N LEU D 64 5.38 -5.99 -21.39
CA LEU D 64 4.58 -7.10 -20.86
C LEU D 64 3.07 -6.80 -20.78
N TRP D 65 2.64 -5.66 -21.36
CA TRP D 65 1.22 -5.27 -21.42
C TRP D 65 0.53 -6.11 -22.50
N LYS D 66 0.13 -7.33 -22.14
CA LYS D 66 -0.50 -8.29 -23.05
C LYS D 66 -1.79 -8.88 -22.46
N GLU D 67 -2.61 -9.53 -23.32
CA GLU D 67 -3.87 -10.18 -22.97
C GLU D 67 -3.67 -11.28 -21.92
N PRO D 68 -4.61 -11.49 -20.96
CA PRO D 68 -4.42 -12.56 -19.97
C PRO D 68 -4.45 -13.95 -20.63
N GLY D 69 -3.32 -14.63 -20.57
CA GLY D 69 -3.11 -15.95 -21.15
C GLY D 69 -2.05 -15.99 -22.23
N SER D 70 -1.56 -14.80 -22.67
CA SER D 70 -0.55 -14.62 -23.71
C SER D 70 0.82 -15.17 -23.32
N ASN D 71 1.60 -15.59 -24.34
CA ASN D 71 2.97 -16.10 -24.18
C ASN D 71 3.95 -15.06 -24.73
N VAL D 72 4.77 -14.48 -23.85
CA VAL D 72 5.76 -13.46 -24.18
C VAL D 72 7.16 -14.08 -24.23
N THR D 73 7.94 -13.78 -25.29
CA THR D 73 9.30 -14.28 -25.44
C THR D 73 10.33 -13.17 -25.28
N MET D 74 11.28 -13.37 -24.35
CA MET D 74 12.36 -12.41 -24.07
C MET D 74 13.70 -12.94 -24.55
N SER D 75 14.33 -12.26 -25.52
CA SER D 75 15.64 -12.65 -26.04
C SER D 75 16.73 -11.81 -25.37
N VAL D 76 17.48 -12.44 -24.44
CA VAL D 76 18.54 -11.75 -23.69
C VAL D 76 19.93 -12.36 -23.96
N ASP D 77 20.99 -11.60 -23.64
CA ASP D 77 22.39 -12.00 -23.77
C ASP D 77 22.70 -13.04 -22.69
N ALA D 78 23.69 -13.92 -22.95
CA ALA D 78 24.13 -14.96 -22.01
C ALA D 78 24.73 -14.36 -20.74
N GLU D 79 25.30 -13.16 -20.84
CA GLU D 79 25.91 -12.42 -19.72
C GLU D 79 24.83 -11.88 -18.79
N CYS D 80 23.67 -11.50 -19.36
CA CYS D 80 22.55 -10.86 -18.67
C CYS D 80 21.52 -11.82 -18.08
N VAL D 81 21.79 -13.14 -18.09
CA VAL D 81 20.91 -14.18 -17.52
C VAL D 81 20.68 -13.98 -16.00
N PRO D 82 21.71 -13.70 -15.13
CA PRO D 82 21.41 -13.51 -13.70
C PRO D 82 20.60 -12.25 -13.34
N MET D 83 20.57 -11.26 -14.25
CA MET D 83 19.82 -10.01 -14.04
C MET D 83 18.39 -10.04 -14.57
N VAL D 84 17.93 -11.20 -15.12
CA VAL D 84 16.56 -11.37 -15.65
C VAL D 84 15.53 -11.38 -14.51
N ARG D 85 15.76 -12.20 -13.47
CA ARG D 85 14.85 -12.35 -12.33
C ARG D 85 14.64 -11.03 -11.57
N ASP D 86 15.72 -10.26 -11.35
CA ASP D 86 15.70 -8.97 -10.65
C ASP D 86 15.00 -7.88 -11.48
N PHE D 87 15.15 -7.95 -12.82
CA PHE D 87 14.54 -7.02 -13.79
C PHE D 87 13.03 -7.19 -13.83
N LEU D 88 12.53 -8.45 -13.85
CA LEU D 88 11.10 -8.75 -13.85
C LEU D 88 10.46 -8.42 -12.51
N ARG D 89 11.19 -8.64 -11.39
CA ARG D 89 10.74 -8.36 -10.03
C ARG D 89 10.62 -6.84 -9.81
N TYR D 90 11.45 -6.05 -10.53
CA TYR D 90 11.47 -4.59 -10.49
C TYR D 90 10.13 -4.01 -10.96
N PHE D 91 9.42 -4.71 -11.85
CA PHE D 91 8.10 -4.29 -12.34
C PHE D 91 7.04 -4.39 -11.24
N TYR D 92 7.24 -5.33 -10.29
CA TYR D 92 6.36 -5.55 -9.15
C TYR D 92 6.75 -4.64 -7.99
N SER D 93 7.96 -4.88 -7.42
CA SER D 93 8.51 -4.17 -6.26
C SER D 93 8.78 -2.68 -6.46
N ARG D 94 9.05 -2.24 -7.70
CA ARG D 94 9.38 -0.85 -8.07
C ARG D 94 10.65 -0.37 -7.34
N ARG D 95 11.56 -1.32 -7.06
CA ARG D 95 12.82 -1.13 -6.38
C ARG D 95 13.85 -2.11 -6.96
N ILE D 96 15.09 -1.64 -7.21
CA ILE D 96 16.17 -2.47 -7.78
C ILE D 96 17.56 -2.05 -7.26
N ASP D 97 18.40 -3.04 -6.92
CA ASP D 97 19.76 -2.84 -6.44
C ASP D 97 20.74 -3.09 -7.60
N ILE D 98 21.43 -2.01 -8.04
CA ILE D 98 22.36 -2.06 -9.17
C ILE D 98 23.81 -1.85 -8.73
N ALA D 99 24.73 -2.71 -9.20
CA ALA D 99 26.16 -2.67 -8.93
C ALA D 99 26.95 -2.38 -10.22
N LEU D 100 28.28 -2.20 -10.12
CA LEU D 100 29.19 -1.92 -11.24
C LEU D 100 29.14 -3.01 -12.33
N SER D 101 29.04 -4.29 -11.91
CA SER D 101 29.00 -5.45 -12.81
C SER D 101 27.66 -5.63 -13.53
N SER D 102 26.57 -5.14 -12.92
CA SER D 102 25.21 -5.29 -13.43
C SER D 102 24.66 -4.09 -14.22
N VAL D 103 25.23 -2.89 -14.02
CA VAL D 103 24.81 -1.63 -14.66
C VAL D 103 24.84 -1.74 -16.21
N LYS D 104 25.80 -2.51 -16.78
CA LYS D 104 25.93 -2.74 -18.21
C LYS D 104 24.75 -3.57 -18.72
N CYS D 105 24.42 -4.66 -18.01
CA CYS D 105 23.33 -5.57 -18.36
C CYS D 105 21.95 -4.96 -18.15
N PHE D 106 21.74 -4.27 -17.01
CA PHE D 106 20.46 -3.64 -16.69
C PHE D 106 20.06 -2.55 -17.69
N HIS D 107 21.06 -1.87 -18.27
CA HIS D 107 20.84 -0.83 -19.28
C HIS D 107 20.42 -1.46 -20.61
N LYS D 108 20.95 -2.66 -20.94
CA LYS D 108 20.61 -3.41 -22.15
C LYS D 108 19.16 -3.87 -22.10
N LEU D 109 18.73 -4.38 -20.94
CA LEU D 109 17.38 -4.89 -20.68
C LEU D 109 16.32 -3.78 -20.73
N ALA D 110 16.61 -2.66 -20.04
CA ALA D 110 15.70 -1.51 -19.97
C ALA D 110 15.49 -0.82 -21.33
N SER D 111 16.54 -0.78 -22.18
CA SER D 111 16.49 -0.18 -23.50
C SER D 111 15.68 -1.04 -24.47
N ALA D 112 15.84 -2.37 -24.38
CA ALA D 112 15.17 -3.33 -25.25
C ALA D 112 13.74 -3.67 -24.82
N TYR D 113 13.35 -3.38 -23.56
CA TYR D 113 12.01 -3.74 -23.07
C TYR D 113 11.20 -2.56 -22.48
N GLY D 114 11.49 -1.35 -22.95
CA GLY D 114 10.80 -0.11 -22.61
C GLY D 114 10.73 0.31 -21.16
N ALA D 115 11.76 0.01 -20.35
CA ALA D 115 11.83 0.42 -18.95
C ALA D 115 12.64 1.73 -18.88
N LYS D 116 12.02 2.82 -19.38
CA LYS D 116 12.59 4.16 -19.51
C LYS D 116 13.18 4.75 -18.22
N GLN D 117 12.52 4.55 -17.06
CA GLN D 117 13.00 5.06 -15.77
C GLN D 117 14.30 4.38 -15.34
N LEU D 118 14.39 3.05 -15.56
CA LEU D 118 15.56 2.23 -15.26
C LEU D 118 16.71 2.56 -16.22
N GLN D 119 16.40 2.78 -17.52
CA GLN D 119 17.34 3.13 -18.57
C GLN D 119 18.02 4.46 -18.26
N GLY D 120 17.24 5.43 -17.78
CA GLY D 120 17.71 6.76 -17.40
C GLY D 120 18.59 6.74 -16.16
N TYR D 121 18.27 5.84 -15.21
CA TYR D 121 19.02 5.68 -13.96
C TYR D 121 20.37 5.02 -14.22
N CYS D 122 20.41 3.95 -15.05
CA CYS D 122 21.64 3.23 -15.43
C CYS D 122 22.61 4.15 -16.18
N ALA D 123 22.05 5.10 -16.97
CA ALA D 123 22.80 6.08 -17.74
C ALA D 123 23.46 7.11 -16.82
N SER D 124 22.76 7.55 -15.76
CA SER D 124 23.27 8.51 -14.78
C SER D 124 24.29 7.86 -13.85
N LEU D 125 24.06 6.56 -13.55
CA LEU D 125 24.86 5.70 -12.68
C LEU D 125 26.33 5.61 -13.10
N PHE D 126 26.61 5.53 -14.42
CA PHE D 126 27.93 5.41 -15.00
C PHE D 126 28.97 6.36 -14.40
N ALA D 127 28.63 7.67 -14.31
CA ALA D 127 29.51 8.71 -13.80
C ALA D 127 29.87 8.55 -12.32
N ILE D 128 28.94 7.98 -11.53
CA ILE D 128 29.10 7.77 -10.08
C ILE D 128 29.69 6.34 -9.80
N LEU D 129 30.59 5.87 -10.68
CA LEU D 129 31.25 4.56 -10.56
C LEU D 129 32.72 4.67 -10.96
N ARG E 7 -31.81 38.50 -8.10
CA ARG E 7 -30.62 38.35 -7.27
C ARG E 7 -29.69 37.27 -7.83
N SER E 8 -28.60 37.69 -8.54
CA SER E 8 -27.64 36.77 -9.13
C SER E 8 -26.20 37.27 -9.02
N THR E 9 -25.37 36.54 -8.26
CA THR E 9 -23.95 36.84 -8.05
C THR E 9 -23.12 35.59 -8.32
N HIS E 10 -22.16 35.70 -9.24
CA HIS E 10 -21.28 34.61 -9.64
C HIS E 10 -19.88 34.84 -9.05
N THR E 11 -19.45 33.93 -8.17
CA THR E 11 -18.17 34.03 -7.46
C THR E 11 -17.12 33.05 -7.98
N LEU E 12 -15.89 33.55 -8.22
CA LEU E 12 -14.73 32.75 -8.65
C LEU E 12 -13.85 32.52 -7.43
N ASP E 13 -13.47 31.27 -7.14
CA ASP E 13 -12.62 30.94 -6.00
C ASP E 13 -11.45 30.03 -6.37
N LEU E 14 -10.24 30.60 -6.34
CA LEU E 14 -8.98 29.90 -6.62
C LEU E 14 -8.07 30.03 -5.40
N SER E 15 -8.70 30.25 -4.23
CA SER E 15 -8.04 30.45 -2.93
C SER E 15 -7.52 29.17 -2.27
N ARG E 16 -7.87 27.99 -2.82
CA ARG E 16 -7.45 26.68 -2.29
C ARG E 16 -5.92 26.47 -2.38
N GLU E 17 -5.28 27.10 -3.38
CA GLU E 17 -3.84 27.02 -3.65
C GLU E 17 -2.99 27.75 -2.60
N LEU E 18 -3.55 28.83 -1.99
CA LEU E 18 -2.91 29.74 -1.03
C LEU E 18 -2.08 29.10 0.09
N SER E 19 -2.43 27.87 0.53
CA SER E 19 -1.67 27.17 1.58
C SER E 19 -0.24 26.90 1.08
N GLU E 20 -0.11 26.25 -0.09
CA GLU E 20 1.17 25.95 -0.69
C GLU E 20 1.83 27.17 -1.36
N VAL E 21 1.01 28.13 -1.85
CA VAL E 21 1.49 29.37 -2.49
C VAL E 21 2.38 30.14 -1.50
N LEU E 22 1.91 30.30 -0.26
CA LEU E 22 2.63 30.97 0.82
C LEU E 22 3.79 30.13 1.33
N GLY E 23 3.62 28.80 1.31
CA GLY E 23 4.64 27.84 1.71
C GLY E 23 5.85 27.88 0.79
N GLN E 24 5.60 28.02 -0.53
CA GLN E 24 6.62 28.10 -1.58
C GLN E 24 7.40 29.41 -1.55
N ILE E 25 6.82 30.47 -0.93
CA ILE E 25 7.48 31.78 -0.76
C ILE E 25 8.61 31.61 0.26
N PHE E 26 8.37 30.82 1.32
CA PHE E 26 9.35 30.51 2.34
C PHE E 26 10.44 29.58 1.79
N ASP E 27 10.03 28.53 1.02
CA ASP E 27 10.91 27.55 0.39
C ASP E 27 11.98 28.19 -0.48
N SER E 28 11.58 29.19 -1.30
CA SER E 28 12.47 29.93 -2.22
C SER E 28 13.60 30.68 -1.52
N GLN E 29 13.34 31.18 -0.29
CA GLN E 29 14.28 31.95 0.55
C GLN E 29 14.82 33.21 -0.17
N GLN E 30 13.95 33.83 -1.00
CA GLN E 30 14.28 35.02 -1.79
C GLN E 30 13.35 36.18 -1.43
N GLY E 31 13.90 37.39 -1.41
CA GLY E 31 13.17 38.61 -1.07
C GLY E 31 12.84 38.74 0.40
N CYS E 32 13.70 38.14 1.25
CA CYS E 32 13.57 38.13 2.71
C CYS E 32 13.94 39.49 3.31
N ASP E 33 13.29 39.84 4.44
CA ASP E 33 13.56 41.06 5.19
C ASP E 33 13.65 40.78 6.70
N LEU E 34 14.12 39.57 7.05
CA LEU E 34 14.31 39.07 8.41
C LEU E 34 15.28 37.89 8.35
N SER E 35 16.27 37.86 9.27
CA SER E 35 17.25 36.79 9.32
C SER E 35 17.07 35.95 10.58
N ILE E 36 16.85 34.64 10.40
CA ILE E 36 16.65 33.70 11.52
C ILE E 36 17.85 32.76 11.65
N PHE E 48 18.08 30.49 8.34
CA PHE E 48 16.87 30.72 7.56
C PHE E 48 16.55 32.22 7.44
N CYS E 49 15.59 32.57 6.57
CA CYS E 49 15.13 33.95 6.40
C CYS E 49 13.61 34.04 6.33
N GLY E 50 13.07 35.17 6.77
CA GLY E 50 11.63 35.41 6.81
C GLY E 50 11.15 36.64 6.05
N HIS E 51 9.83 36.71 5.85
CA HIS E 51 9.14 37.82 5.19
C HIS E 51 8.16 38.41 6.20
N THR E 52 8.52 39.59 6.77
CA THR E 52 7.76 40.29 7.81
C THR E 52 6.28 40.49 7.45
N ILE E 53 5.98 40.84 6.19
CA ILE E 53 4.62 41.07 5.67
C ILE E 53 3.71 39.85 5.91
N ILE E 54 4.20 38.64 5.61
CA ILE E 54 3.45 37.40 5.81
C ILE E 54 3.42 37.01 7.31
N LEU E 55 4.57 37.10 7.99
CA LEU E 55 4.74 36.74 9.41
C LEU E 55 3.90 37.59 10.37
N THR E 56 3.84 38.93 10.17
CA THR E 56 3.06 39.85 11.03
C THR E 56 1.54 39.62 10.91
N ALA E 57 1.09 38.97 9.83
CA ALA E 57 -0.32 38.64 9.59
C ALA E 57 -0.78 37.45 10.42
N ASN E 58 0.17 36.57 10.82
CA ASN E 58 -0.11 35.37 11.63
C ASN E 58 0.23 35.58 13.10
N LEU E 59 -0.76 35.32 13.98
CA LEU E 59 -0.63 35.44 15.44
C LEU E 59 0.29 34.35 16.02
N GLU E 60 0.44 33.23 15.29
CA GLU E 60 1.31 32.10 15.67
C GLU E 60 2.78 32.52 15.58
N ALA E 61 3.13 33.36 14.60
CA ALA E 61 4.47 33.87 14.35
C ALA E 61 4.80 35.13 15.19
N GLN E 62 4.09 35.33 16.33
CA GLN E 62 4.23 36.46 17.25
C GLN E 62 5.66 36.74 17.69
N ALA E 63 6.48 35.68 17.84
CA ALA E 63 7.89 35.77 18.22
C ALA E 63 8.73 36.40 17.10
N LEU E 64 8.30 36.21 15.84
CA LEU E 64 8.98 36.73 14.66
C LEU E 64 8.45 38.12 14.20
N TRP E 65 7.57 38.74 15.01
CA TRP E 65 7.02 40.07 14.72
C TRP E 65 8.09 41.13 15.07
N LYS E 66 9.00 41.36 14.11
CA LYS E 66 10.13 42.30 14.26
C LYS E 66 10.24 43.25 13.07
N GLU E 67 11.05 44.32 13.24
CA GLU E 67 11.32 45.35 12.23
C GLU E 67 11.94 44.76 10.96
N PRO E 68 11.62 45.26 9.74
CA PRO E 68 12.24 44.69 8.53
C PRO E 68 13.75 44.97 8.48
N GLY E 69 14.52 43.89 8.55
CA GLY E 69 15.98 43.91 8.57
C GLY E 69 16.59 43.34 9.83
N SER E 70 15.75 43.08 10.86
CA SER E 70 16.15 42.55 12.16
C SER E 70 16.71 41.12 12.10
N ASN E 71 17.59 40.77 13.04
CA ASN E 71 18.21 39.46 13.17
C ASN E 71 17.64 38.77 14.41
N VAL E 72 16.89 37.66 14.19
CA VAL E 72 16.24 36.88 15.24
C VAL E 72 17.03 35.60 15.50
N THR E 73 17.28 35.29 16.79
CA THR E 73 18.01 34.09 17.20
C THR E 73 17.09 33.08 17.87
N MET E 74 17.07 31.85 17.36
CA MET E 74 16.25 30.75 17.88
C MET E 74 17.13 29.69 18.56
N SER E 75 16.97 29.52 19.88
CA SER E 75 17.71 28.53 20.66
C SER E 75 16.87 27.27 20.84
N VAL E 76 17.19 26.22 20.06
CA VAL E 76 16.47 24.95 20.06
C VAL E 76 17.34 23.77 20.48
N ASP E 77 16.68 22.64 20.83
CA ASP E 77 17.31 21.39 21.23
C ASP E 77 17.91 20.70 20.01
N ALA E 78 18.96 19.88 20.22
CA ALA E 78 19.64 19.12 19.16
C ALA E 78 18.71 18.07 18.52
N GLU E 79 17.74 17.58 19.30
CA GLU E 79 16.74 16.60 18.87
C GLU E 79 15.73 17.25 17.91
N CYS E 80 15.41 18.53 18.15
CA CYS E 80 14.40 19.30 17.44
C CYS E 80 14.90 20.03 16.18
N VAL E 81 16.17 19.79 15.76
CA VAL E 81 16.76 20.41 14.57
C VAL E 81 15.99 20.05 13.26
N PRO E 82 15.60 18.77 12.99
CA PRO E 82 14.86 18.50 11.73
C PRO E 82 13.43 19.06 11.66
N MET E 83 12.86 19.41 12.83
CA MET E 83 11.50 19.96 12.95
C MET E 83 11.43 21.49 12.76
N VAL E 84 12.60 22.18 12.75
CA VAL E 84 12.74 23.65 12.63
C VAL E 84 12.16 24.18 11.31
N ARG E 85 12.54 23.58 10.16
CA ARG E 85 12.09 23.97 8.83
C ARG E 85 10.57 23.88 8.67
N ASP E 86 9.95 22.79 9.18
CA ASP E 86 8.50 22.56 9.13
C ASP E 86 7.72 23.52 10.03
N PHE E 87 8.31 23.90 11.19
CA PHE E 87 7.74 24.83 12.17
C PHE E 87 7.67 26.24 11.61
N LEU E 88 8.75 26.70 10.93
CA LEU E 88 8.80 28.03 10.32
C LEU E 88 7.88 28.11 9.10
N ARG E 89 7.77 27.01 8.32
CA ARG E 89 6.91 26.92 7.14
C ARG E 89 5.44 26.95 7.54
N TYR E 90 5.12 26.44 8.76
CA TYR E 90 3.77 26.42 9.34
C TYR E 90 3.21 27.85 9.51
N PHE E 91 4.09 28.85 9.73
CA PHE E 91 3.69 30.25 9.86
C PHE E 91 3.20 30.81 8.53
N TYR E 92 3.72 30.27 7.40
CA TYR E 92 3.35 30.66 6.04
C TYR E 92 2.13 29.85 5.58
N SER E 93 2.31 28.52 5.42
CA SER E 93 1.31 27.58 4.93
C SER E 93 0.06 27.41 5.79
N ARG E 94 0.19 27.63 7.12
CA ARG E 94 -0.89 27.47 8.12
C ARG E 94 -1.42 26.02 8.14
N ARG E 95 -0.52 25.06 7.82
CA ARG E 95 -0.76 23.63 7.75
C ARG E 95 0.52 22.90 8.18
N ILE E 96 0.38 21.84 9.01
CA ILE E 96 1.52 21.07 9.52
C ILE E 96 1.17 19.58 9.73
N ASP E 97 2.08 18.68 9.30
CA ASP E 97 1.97 17.24 9.45
C ASP E 97 2.82 16.78 10.64
N ILE E 98 2.16 16.31 11.70
CA ILE E 98 2.82 15.89 12.95
C ILE E 98 2.72 14.37 13.15
N ALA E 99 3.85 13.72 13.50
CA ALA E 99 3.94 12.28 13.77
C ALA E 99 4.24 12.03 15.26
N LEU E 100 4.24 10.75 15.69
CA LEU E 100 4.51 10.33 17.07
C LEU E 100 5.90 10.77 17.57
N SER E 101 6.92 10.71 16.68
CA SER E 101 8.30 11.07 16.99
C SER E 101 8.54 12.59 17.06
N SER E 102 7.71 13.38 16.35
CA SER E 102 7.82 14.84 16.26
C SER E 102 6.91 15.64 17.21
N VAL E 103 5.83 15.02 17.73
CA VAL E 103 4.85 15.66 18.63
C VAL E 103 5.53 16.23 19.92
N LYS E 104 6.58 15.56 20.41
CA LYS E 104 7.34 15.98 21.59
C LYS E 104 8.12 17.26 21.28
N CYS E 105 8.79 17.31 20.12
CA CYS E 105 9.58 18.45 19.67
C CYS E 105 8.73 19.65 19.25
N PHE E 106 7.64 19.41 18.48
CA PHE E 106 6.74 20.47 18.02
C PHE E 106 6.04 21.20 19.18
N HIS E 107 5.80 20.50 20.32
CA HIS E 107 5.20 21.09 21.52
C HIS E 107 6.22 21.99 22.23
N LYS E 108 7.52 21.63 22.19
CA LYS E 108 8.61 22.40 22.79
C LYS E 108 8.78 23.73 22.04
N LEU E 109 8.73 23.68 20.68
CA LEU E 109 8.86 24.81 19.75
C LEU E 109 7.72 25.80 19.88
N ALA E 110 6.47 25.31 19.94
CA ALA E 110 5.25 26.10 20.05
C ALA E 110 5.11 26.82 21.40
N SER E 111 5.57 26.17 22.49
CA SER E 111 5.52 26.73 23.85
C SER E 111 6.54 27.85 24.03
N ALA E 112 7.74 27.66 23.46
CA ALA E 112 8.84 28.62 23.56
C ALA E 112 8.77 29.78 22.56
N TYR E 113 7.96 29.66 21.48
CA TYR E 113 7.89 30.71 20.47
C TYR E 113 6.45 31.23 20.16
N GLY E 114 5.57 31.13 21.17
CA GLY E 114 4.20 31.63 21.15
C GLY E 114 3.24 31.15 20.07
N ALA E 115 3.37 29.88 19.64
CA ALA E 115 2.48 29.28 18.64
C ALA E 115 1.39 28.50 19.41
N LYS E 116 0.48 29.26 20.06
CA LYS E 116 -0.59 28.77 20.93
C LYS E 116 -1.52 27.73 20.29
N GLN E 117 -1.89 27.89 19.00
CA GLN E 117 -2.77 26.95 18.30
C GLN E 117 -2.09 25.59 18.10
N LEU E 118 -0.79 25.60 17.77
CA LEU E 118 0.03 24.40 17.58
C LEU E 118 0.28 23.71 18.92
N GLN E 119 0.53 24.50 19.99
CA GLN E 119 0.77 24.03 21.36
C GLN E 119 -0.47 23.27 21.89
N GLY E 120 -1.66 23.81 21.61
CA GLY E 120 -2.93 23.22 22.01
C GLY E 120 -3.23 21.93 21.27
N TYR E 121 -2.83 21.86 19.99
CA TYR E 121 -3.02 20.68 19.14
C TYR E 121 -2.10 19.54 19.56
N CYS E 122 -0.81 19.84 19.82
CA CYS E 122 0.18 18.86 20.26
C CYS E 122 -0.16 18.25 21.62
N ALA E 123 -0.68 19.06 22.55
CA ALA E 123 -1.08 18.65 23.90
C ALA E 123 -2.25 17.65 23.87
N SER E 124 -3.20 17.84 22.93
CA SER E 124 -4.35 16.96 22.76
C SER E 124 -3.99 15.62 22.10
N LEU E 125 -2.83 15.55 21.42
CA LEU E 125 -2.32 14.35 20.74
C LEU E 125 -1.77 13.28 21.69
N PHE E 126 -1.48 13.64 22.96
CA PHE E 126 -0.95 12.73 23.98
C PHE E 126 -1.98 11.65 24.37
N ARG F 7 4.59 5.97 10.41
CA ARG F 7 3.42 5.10 10.35
C ARG F 7 2.10 5.84 10.62
N SER F 8 2.15 6.90 11.45
CA SER F 8 0.99 7.71 11.82
C SER F 8 1.31 9.21 11.71
N THR F 9 0.53 9.94 10.87
CA THR F 9 0.70 11.38 10.66
C THR F 9 -0.63 12.11 10.85
N HIS F 10 -0.65 13.08 11.78
CA HIS F 10 -1.80 13.89 12.13
C HIS F 10 -1.61 15.29 11.57
N THR F 11 -2.50 15.71 10.66
CA THR F 11 -2.43 17.00 9.99
C THR F 11 -3.46 18.02 10.51
N LEU F 12 -2.97 19.23 10.82
CA LEU F 12 -3.76 20.37 11.30
C LEU F 12 -3.92 21.34 10.12
N ASP F 13 -5.16 21.75 9.83
CA ASP F 13 -5.43 22.66 8.72
C ASP F 13 -6.29 23.87 9.12
N LEU F 14 -5.66 25.05 9.15
CA LEU F 14 -6.27 26.33 9.47
C LEU F 14 -6.03 27.28 8.29
N SER F 15 -5.82 26.68 7.10
CA SER F 15 -5.53 27.38 5.84
C SER F 15 -6.77 28.00 5.16
N ARG F 16 -7.98 27.70 5.66
CA ARG F 16 -9.25 28.23 5.12
C ARG F 16 -9.37 29.76 5.26
N GLU F 17 -8.71 30.34 6.29
CA GLU F 17 -8.71 31.77 6.59
C GLU F 17 -7.90 32.60 5.59
N LEU F 18 -6.84 31.99 5.00
CA LEU F 18 -5.87 32.59 4.08
C LEU F 18 -6.44 33.47 2.95
N SER F 19 -7.67 33.20 2.47
CA SER F 19 -8.30 34.02 1.43
C SER F 19 -8.50 35.45 1.93
N GLU F 20 -9.16 35.60 3.09
CA GLU F 20 -9.39 36.91 3.71
C GLU F 20 -8.17 37.46 4.42
N VAL F 21 -7.26 36.59 4.92
CA VAL F 21 -6.02 36.99 5.60
C VAL F 21 -5.17 37.84 4.64
N LEU F 22 -5.00 37.37 3.40
CA LEU F 22 -4.26 38.05 2.34
C LEU F 22 -5.02 39.27 1.83
N GLY F 23 -6.35 39.18 1.81
CA GLY F 23 -7.24 40.26 1.39
C GLY F 23 -7.16 41.46 2.32
N GLN F 24 -7.07 41.19 3.64
CA GLN F 24 -6.95 42.19 4.71
C GLN F 24 -5.59 42.90 4.72
N ILE F 25 -4.55 42.26 4.13
CA ILE F 25 -3.21 42.83 3.99
C ILE F 25 -3.27 43.99 2.98
N PHE F 26 -4.05 43.80 1.90
CA PHE F 26 -4.27 44.81 0.87
C PHE F 26 -5.15 45.94 1.42
N ASP F 27 -6.24 45.58 2.14
CA ASP F 27 -7.19 46.52 2.76
C ASP F 27 -6.51 47.55 3.65
N SER F 28 -5.55 47.09 4.50
CA SER F 28 -4.79 47.91 5.44
C SER F 28 -3.96 49.00 4.77
N GLN F 29 -3.43 48.72 3.55
CA GLN F 29 -2.59 49.62 2.74
C GLN F 29 -1.33 50.09 3.51
N GLN F 30 -0.77 49.19 4.35
CA GLN F 30 0.41 49.44 5.17
C GLN F 30 1.51 48.43 4.85
N GLY F 31 2.75 48.92 4.86
CA GLY F 31 3.93 48.11 4.57
C GLY F 31 4.08 47.79 3.09
N CYS F 32 3.56 48.68 2.23
CA CYS F 32 3.60 48.55 0.77
C CYS F 32 4.99 48.85 0.21
N ASP F 33 5.33 48.19 -0.90
CA ASP F 33 6.59 48.38 -1.62
C ASP F 33 6.37 48.50 -3.13
N LEU F 34 5.19 49.05 -3.51
CA LEU F 34 4.76 49.28 -4.89
C LEU F 34 3.63 50.31 -4.86
N SER F 35 3.68 51.29 -5.78
CA SER F 35 2.67 52.35 -5.87
C SER F 35 1.86 52.21 -7.16
N ILE F 36 0.53 52.03 -7.02
CA ILE F 36 -0.38 51.86 -8.15
C ILE F 36 -1.20 53.14 -8.36
N SER F 37 -0.90 53.89 -9.43
CA SER F 37 -1.60 55.12 -9.80
C SER F 37 -2.64 54.82 -10.88
N VAL F 38 -3.93 54.95 -10.54
CA VAL F 38 -5.04 54.67 -11.47
C VAL F 38 -5.48 55.95 -12.20
N SER F 39 -5.10 56.07 -13.49
CA SER F 39 -5.39 57.21 -14.35
C SER F 39 -6.61 56.97 -15.23
N VAL F 40 -7.55 57.93 -15.21
CA VAL F 40 -8.77 57.90 -16.01
C VAL F 40 -8.81 59.16 -16.88
N GLN F 41 -8.86 58.97 -18.21
CA GLN F 41 -8.88 60.02 -19.24
C GLN F 41 -7.68 60.99 -19.12
N GLY F 42 -6.52 60.43 -18.78
CA GLY F 42 -5.28 61.18 -18.62
C GLY F 42 -4.91 61.47 -17.18
N GLU F 43 -5.72 62.28 -16.49
CA GLU F 43 -5.48 62.67 -15.09
C GLU F 43 -5.69 61.53 -14.09
N ASP F 44 -4.90 61.56 -12.99
CA ASP F 44 -4.96 60.57 -11.91
C ASP F 44 -6.26 60.70 -11.13
N ALA F 45 -7.02 59.60 -11.07
CA ALA F 45 -8.31 59.54 -10.39
C ALA F 45 -8.20 58.98 -8.97
N LEU F 46 -7.66 57.76 -8.82
CA LEU F 46 -7.49 57.10 -7.52
C LEU F 46 -6.14 56.42 -7.40
N GLY F 47 -5.67 56.26 -6.15
CA GLY F 47 -4.39 55.67 -5.84
C GLY F 47 -4.46 54.50 -4.88
N PHE F 48 -3.58 53.51 -5.10
CA PHE F 48 -3.45 52.29 -4.30
C PHE F 48 -1.99 51.88 -4.14
N CYS F 49 -1.71 50.92 -3.25
CA CYS F 49 -0.37 50.38 -3.04
C CYS F 49 -0.37 48.85 -2.98
N GLY F 50 0.74 48.25 -3.38
CA GLY F 50 0.89 46.81 -3.42
C GLY F 50 2.07 46.26 -2.63
N HIS F 51 2.06 44.93 -2.43
CA HIS F 51 3.09 44.18 -1.74
C HIS F 51 3.68 43.17 -2.73
N THR F 52 4.89 43.47 -3.28
CA THR F 52 5.59 42.67 -4.29
C THR F 52 5.68 41.18 -3.95
N ILE F 53 5.98 40.85 -2.68
CA ILE F 53 6.12 39.49 -2.16
C ILE F 53 4.85 38.64 -2.43
N ILE F 54 3.66 39.21 -2.20
CA ILE F 54 2.38 38.54 -2.43
C ILE F 54 2.02 38.54 -3.92
N LEU F 55 2.22 39.68 -4.60
CA LEU F 55 1.91 39.88 -6.02
C LEU F 55 2.73 38.99 -6.96
N THR F 56 4.05 38.84 -6.72
CA THR F 56 4.95 38.01 -7.56
C THR F 56 4.63 36.51 -7.45
N ALA F 57 3.91 36.10 -6.40
CA ALA F 57 3.49 34.71 -6.17
C ALA F 57 2.29 34.33 -7.06
N ASN F 58 1.49 35.33 -7.48
CA ASN F 58 0.32 35.13 -8.32
C ASN F 58 0.59 35.47 -9.78
N LEU F 59 0.30 34.50 -10.68
CA LEU F 59 0.47 34.63 -12.13
C LEU F 59 -0.54 35.62 -12.73
N GLU F 60 -1.68 35.84 -12.04
CA GLU F 60 -2.73 36.77 -12.45
C GLU F 60 -2.25 38.22 -12.34
N ALA F 61 -1.41 38.50 -11.32
CA ALA F 61 -0.83 39.81 -11.05
C ALA F 61 0.48 40.06 -11.83
N GLN F 62 0.68 39.33 -12.96
CA GLN F 62 1.86 39.40 -13.84
C GLN F 62 2.23 40.82 -14.26
N ALA F 63 1.22 41.70 -14.45
CA ALA F 63 1.41 43.11 -14.83
C ALA F 63 2.05 43.90 -13.70
N LEU F 64 1.79 43.49 -12.44
CA LEU F 64 2.31 44.13 -11.23
C LEU F 64 3.64 43.53 -10.74
N TRP F 65 4.24 42.60 -11.53
CA TRP F 65 5.54 41.97 -11.21
C TRP F 65 6.65 42.98 -11.50
N LYS F 66 6.91 43.88 -10.53
CA LYS F 66 7.92 44.94 -10.65
C LYS F 66 8.84 45.00 -9.44
N GLU F 67 9.96 45.74 -9.56
CA GLU F 67 10.97 45.95 -8.52
C GLU F 67 10.38 46.60 -7.28
N PRO F 68 10.82 46.25 -6.04
CA PRO F 68 10.26 46.89 -4.84
C PRO F 68 10.61 48.38 -4.79
N GLY F 69 9.58 49.21 -4.88
CA GLY F 69 9.69 50.67 -4.88
C GLY F 69 9.19 51.32 -6.16
N SER F 70 8.92 50.50 -7.20
CA SER F 70 8.44 50.94 -8.52
C SER F 70 7.05 51.57 -8.49
N ASN F 71 6.79 52.48 -9.45
CA ASN F 71 5.51 53.18 -9.61
C ASN F 71 4.83 52.64 -10.88
N VAL F 72 3.69 51.96 -10.71
CA VAL F 72 2.92 51.35 -11.80
C VAL F 72 1.69 52.22 -12.10
N THR F 73 1.43 52.50 -13.39
CA THR F 73 0.28 53.30 -13.82
C THR F 73 -0.75 52.43 -14.53
N MET F 74 -2.00 52.48 -14.04
CA MET F 74 -3.13 51.73 -14.60
C MET F 74 -4.13 52.67 -15.30
N SER F 75 -4.29 52.52 -16.62
CA SER F 75 -5.24 53.32 -17.39
C SER F 75 -6.55 52.55 -17.59
N VAL F 76 -7.59 52.91 -16.83
CA VAL F 76 -8.90 52.24 -16.88
C VAL F 76 -10.00 53.18 -17.39
N ASP F 77 -11.17 52.61 -17.72
CA ASP F 77 -12.34 53.35 -18.18
C ASP F 77 -13.03 54.00 -16.98
N ALA F 78 -13.76 55.12 -17.22
CA ALA F 78 -14.49 55.85 -16.18
C ALA F 78 -15.62 55.01 -15.58
N GLU F 79 -16.17 54.07 -16.37
CA GLU F 79 -17.25 53.17 -15.96
C GLU F 79 -16.72 52.10 -15.00
N CYS F 80 -15.46 51.68 -15.21
CA CYS F 80 -14.78 50.61 -14.47
C CYS F 80 -14.05 51.05 -13.20
N VAL F 81 -14.20 52.31 -12.78
CA VAL F 81 -13.56 52.86 -11.57
C VAL F 81 -14.02 52.11 -10.28
N PRO F 82 -15.32 51.81 -10.02
CA PRO F 82 -15.66 51.08 -8.78
C PRO F 82 -15.18 49.62 -8.72
N MET F 83 -14.82 49.05 -9.89
CA MET F 83 -14.35 47.67 -10.02
C MET F 83 -12.83 47.51 -9.87
N VAL F 84 -12.09 48.63 -9.72
CA VAL F 84 -10.63 48.66 -9.58
C VAL F 84 -10.17 48.04 -8.25
N ARG F 85 -10.79 48.45 -7.13
CA ARG F 85 -10.45 47.97 -5.79
C ARG F 85 -10.64 46.46 -5.63
N ASP F 86 -11.75 45.91 -6.17
CA ASP F 86 -12.07 44.47 -6.14
C ASP F 86 -11.13 43.66 -7.02
N PHE F 87 -10.68 44.22 -8.16
CA PHE F 87 -9.76 43.59 -9.12
C PHE F 87 -8.36 43.44 -8.51
N LEU F 88 -7.87 44.49 -7.82
CA LEU F 88 -6.56 44.46 -7.18
C LEU F 88 -6.56 43.53 -5.96
N ARG F 89 -7.69 43.49 -5.22
CA ARG F 89 -7.87 42.63 -4.05
C ARG F 89 -7.92 41.15 -4.46
N TYR F 90 -8.40 40.88 -5.70
CA TYR F 90 -8.48 39.54 -6.29
C TYR F 90 -7.09 38.89 -6.42
N PHE F 91 -6.03 39.71 -6.60
CA PHE F 91 -4.65 39.24 -6.69
C PHE F 91 -4.16 38.70 -5.35
N TYR F 92 -4.70 39.23 -4.24
CA TYR F 92 -4.39 38.85 -2.88
C TYR F 92 -5.28 37.67 -2.44
N SER F 93 -6.59 37.93 -2.32
CA SER F 93 -7.62 36.99 -1.87
C SER F 93 -7.84 35.76 -2.75
N ARG F 94 -7.58 35.88 -4.07
CA ARG F 94 -7.78 34.82 -5.09
C ARG F 94 -9.26 34.39 -5.15
N ARG F 95 -10.15 35.35 -4.85
CA ARG F 95 -11.60 35.21 -4.82
C ARG F 95 -12.24 36.54 -5.27
N ILE F 96 -13.27 36.47 -6.13
CA ILE F 96 -13.96 37.66 -6.65
C ILE F 96 -15.45 37.42 -6.89
N ASP F 97 -16.30 38.38 -6.50
CA ASP F 97 -17.76 38.34 -6.69
C ASP F 97 -18.12 39.20 -7.90
N ILE F 98 -18.61 38.53 -8.97
CA ILE F 98 -18.96 39.17 -10.24
C ILE F 98 -20.47 39.15 -10.48
N ALA F 99 -21.04 40.32 -10.84
CA ALA F 99 -22.47 40.50 -11.16
C ALA F 99 -22.64 40.85 -12.66
N LEU F 100 -23.90 40.96 -13.12
CA LEU F 100 -24.26 41.29 -14.51
C LEU F 100 -23.70 42.66 -14.95
N SER F 101 -23.72 43.65 -14.04
CA SER F 101 -23.24 45.01 -14.30
C SER F 101 -21.71 45.14 -14.33
N SER F 102 -21.01 44.23 -13.61
CA SER F 102 -19.55 44.25 -13.47
C SER F 102 -18.78 43.32 -14.42
N VAL F 103 -19.45 42.28 -14.97
CA VAL F 103 -18.85 41.28 -15.87
C VAL F 103 -18.21 41.93 -17.14
N LYS F 104 -18.80 43.03 -17.63
CA LYS F 104 -18.31 43.78 -18.78
C LYS F 104 -16.99 44.46 -18.42
N CYS F 105 -16.95 45.13 -17.25
CA CYS F 105 -15.81 45.87 -16.74
C CYS F 105 -14.66 44.98 -16.28
N PHE F 106 -14.95 43.87 -15.58
CA PHE F 106 -13.93 42.92 -15.10
C PHE F 106 -13.20 42.23 -16.25
N HIS F 107 -13.91 41.96 -17.37
CA HIS F 107 -13.32 41.34 -18.57
C HIS F 107 -12.34 42.31 -19.24
N LYS F 108 -12.63 43.63 -19.19
CA LYS F 108 -11.77 44.68 -19.74
C LYS F 108 -10.45 44.76 -18.98
N LEU F 109 -10.52 44.72 -17.63
CA LEU F 109 -9.39 44.77 -16.71
C LEU F 109 -8.47 43.55 -16.85
N ALA F 110 -9.07 42.35 -16.87
CA ALA F 110 -8.36 41.07 -16.98
C ALA F 110 -7.62 40.91 -18.30
N SER F 111 -8.21 41.41 -19.40
CA SER F 111 -7.62 41.34 -20.74
C SER F 111 -6.43 42.28 -20.89
N ALA F 112 -6.55 43.49 -20.31
CA ALA F 112 -5.53 44.53 -20.39
C ALA F 112 -4.40 44.37 -19.36
N TYR F 113 -4.59 43.56 -18.28
CA TYR F 113 -3.58 43.42 -17.24
C TYR F 113 -3.15 41.95 -16.93
N GLY F 114 -3.28 41.09 -17.94
CA GLY F 114 -2.86 39.69 -17.92
C GLY F 114 -3.44 38.76 -16.87
N ALA F 115 -4.70 38.98 -16.46
CA ALA F 115 -5.39 38.11 -15.50
C ALA F 115 -6.21 37.07 -16.30
N LYS F 116 -5.49 36.13 -16.94
CA LYS F 116 -6.01 35.09 -17.83
C LYS F 116 -7.13 34.22 -17.24
N GLN F 117 -7.02 33.84 -15.95
CA GLN F 117 -8.04 33.01 -15.27
C GLN F 117 -9.36 33.76 -15.12
N LEU F 118 -9.29 35.06 -14.78
CA LEU F 118 -10.44 35.95 -14.62
C LEU F 118 -11.08 36.24 -15.98
N GLN F 119 -10.24 36.46 -17.02
CA GLN F 119 -10.66 36.73 -18.40
C GLN F 119 -11.46 35.55 -18.96
N GLY F 120 -11.01 34.33 -18.68
CA GLY F 120 -11.66 33.10 -19.11
C GLY F 120 -12.98 32.87 -18.43
N TYR F 121 -13.08 33.25 -17.13
CA TYR F 121 -14.28 33.12 -16.32
C TYR F 121 -15.36 34.10 -16.77
N CYS F 122 -14.98 35.38 -17.01
CA CYS F 122 -15.89 36.44 -17.46
C CYS F 122 -16.48 36.14 -18.84
N ALA F 123 -15.66 35.59 -19.75
CA ALA F 123 -16.05 35.23 -21.12
C ALA F 123 -17.12 34.13 -21.14
N SER F 124 -17.01 33.15 -20.21
CA SER F 124 -17.96 32.04 -20.08
C SER F 124 -19.28 32.48 -19.44
N LEU F 125 -19.25 33.59 -18.68
CA LEU F 125 -20.42 34.14 -17.98
C LEU F 125 -21.45 34.79 -18.89
N PHE F 126 -20.99 35.41 -19.99
CA PHE F 126 -21.90 36.10 -20.90
C PHE F 126 -22.73 35.16 -21.77
N ALA F 127 -22.32 33.88 -21.87
CA ALA F 127 -23.08 32.84 -22.57
C ALA F 127 -24.37 32.55 -21.77
N ILE F 128 -24.35 32.84 -20.45
CA ILE F 128 -25.44 32.68 -19.49
C ILE F 128 -26.24 33.99 -19.36
N LEU F 129 -25.57 35.15 -19.46
CA LEU F 129 -26.22 36.45 -19.31
C LEU F 129 -26.61 37.13 -20.64
N SER F 130 -26.91 36.32 -21.68
CA SER F 130 -27.35 36.82 -22.99
C SER F 130 -28.48 35.97 -23.54
#